data_5MW3
#
_entry.id   5MW3
#
_cell.length_a   158.480
_cell.length_b   158.480
_cell.length_c   74.070
_cell.angle_alpha   90.00
_cell.angle_beta   90.00
_cell.angle_gamma   120.00
#
_symmetry.space_group_name_H-M   'P 63'
#
loop_
_entity.id
_entity.type
_entity.pdbx_description
1 polymer 'Histone-lysine N-methyltransferase, H3 lysine-79 specific'
2 non-polymer N~6~-(2,6-dichlorophenyl)-N~6~-(pent-2-yn-1-yl)quinoline-4,6-diamine
3 non-polymer (3R)-1-(7H-pyrrolo[2,3-d]pyrimidin-4-yl)piperidin-3-amine
4 non-polymer 'L(+)-TARTARIC ACID'
5 water water
#
_entity_poly.entity_id   1
_entity_poly.type   'polypeptide(L)'
_entity_poly.pdbx_seq_one_letter_code
;GPGEKLELRLKSPVGAEPAVYPWPLPVYDKHHDAAHEIIETIRWVCEEIPDLKLAMENYVLIDYDTKSFESMQRLCDKYN
RAIDSIHQLWKGTTQPMKLNTRPSTGLLRHILQQVYNHSVTDPEKLNNYEPFSPEVYGETSFDLVAQMIDEIKMTDDDLF
VDLGSGVGQVVLQVAAATNCKHHYGVEKADIPAKYAETMDREFRKWMKWYGKKHAEYTLERGDFLSEEWRERIANTSVIF
VNNFAFGPEVDHQLKERFANMKEGGRIVSSKPFAPLNFRINSRNLSDIGTIMRVVELSPLKGSVSWTGKPVSYYLHTIDR
TILENYFSSLKNPG
;
_entity_poly.pdbx_strand_id   A,B
#
loop_
_chem_comp.id
_chem_comp.type
_chem_comp.name
_chem_comp.formula
5JJ non-polymer N~6~-(2,6-dichlorophenyl)-N~6~-(pent-2-yn-1-yl)quinoline-4,6-diamine 'C20 H17 Cl2 N3'
5JT non-polymer (3R)-1-(7H-pyrrolo[2,3-d]pyrimidin-4-yl)piperidin-3-amine 'C11 H15 N5'
TLA non-polymer 'L(+)-TARTARIC ACID' 'C4 H6 O6'
#
# COMPACT_ATOMS: atom_id res chain seq x y z
N LEU A 6 6.88 30.85 -15.60
CA LEU A 6 6.69 29.43 -15.89
C LEU A 6 6.03 28.68 -14.71
N GLU A 7 4.77 28.25 -14.90
CA GLU A 7 3.96 27.58 -13.89
C GLU A 7 2.79 26.80 -14.50
N LEU A 8 2.17 25.93 -13.70
CA LEU A 8 1.00 25.15 -14.09
C LEU A 8 -0.11 25.43 -13.08
N ARG A 9 -1.35 25.57 -13.57
CA ARG A 9 -2.51 25.85 -12.72
C ARG A 9 -3.63 24.82 -12.87
N LEU A 10 -4.21 24.40 -11.74
CA LEU A 10 -5.36 23.51 -11.69
C LEU A 10 -6.48 24.25 -11.00
N LYS A 11 -7.59 24.46 -11.71
CA LYS A 11 -8.77 25.12 -11.17
C LYS A 11 -9.47 24.16 -10.22
N SER A 12 -9.97 24.72 -9.12
CA SER A 12 -10.68 23.96 -8.11
C SER A 12 -12.04 23.51 -8.67
N PRO A 13 -12.48 22.26 -8.40
CA PRO A 13 -13.84 21.87 -8.84
C PRO A 13 -14.98 22.59 -8.09
N VAL A 14 -14.67 23.28 -6.96
CA VAL A 14 -15.70 24.03 -6.20
C VAL A 14 -15.49 25.56 -6.26
N GLY A 15 -14.60 26.02 -7.11
CA GLY A 15 -14.37 27.46 -7.28
C GLY A 15 -13.50 28.11 -6.21
N ALA A 16 -12.73 27.29 -5.46
CA ALA A 16 -11.75 27.82 -4.49
C ALA A 16 -10.57 28.36 -5.33
N GLU A 17 -9.55 28.98 -4.67
CA GLU A 17 -8.36 29.48 -5.35
C GLU A 17 -7.64 28.37 -6.14
N PRO A 18 -7.13 28.63 -7.36
CA PRO A 18 -6.47 27.55 -8.12
C PRO A 18 -5.19 27.02 -7.48
N ALA A 19 -4.85 25.76 -7.74
CA ALA A 19 -3.60 25.17 -7.26
C ALA A 19 -2.53 25.62 -8.25
N VAL A 20 -1.46 26.25 -7.76
CA VAL A 20 -0.40 26.81 -8.63
C VAL A 20 0.92 26.08 -8.36
N TYR A 21 1.49 25.48 -9.40
CA TYR A 21 2.75 24.74 -9.27
C TYR A 21 3.82 25.45 -10.08
N PRO A 22 5.07 25.60 -9.57
CA PRO A 22 6.10 26.20 -10.42
C PRO A 22 6.64 25.16 -11.41
N TRP A 23 7.22 25.63 -12.51
CA TRP A 23 7.92 24.78 -13.46
C TRP A 23 9.39 25.26 -13.42
N PRO A 24 10.41 24.36 -13.33
CA PRO A 24 10.34 22.88 -13.26
C PRO A 24 9.57 22.41 -12.04
N LEU A 25 8.82 21.32 -12.19
CA LEU A 25 7.99 20.75 -11.13
C LEU A 25 8.83 20.13 -10.02
N PRO A 26 8.46 20.35 -8.73
CA PRO A 26 9.22 19.69 -7.65
C PRO A 26 9.28 18.16 -7.75
N VAL A 27 10.40 17.61 -7.29
CA VAL A 27 10.62 16.17 -7.22
C VAL A 27 10.51 15.82 -5.74
N TYR A 28 9.74 14.78 -5.41
CA TYR A 28 9.51 14.35 -4.03
C TYR A 28 10.51 13.26 -3.59
N ASP A 29 10.74 12.23 -4.43
CA ASP A 29 11.73 11.17 -4.26
C ASP A 29 12.12 10.61 -5.63
N LYS A 30 12.94 9.54 -5.69
CA LYS A 30 13.43 8.92 -6.95
C LYS A 30 12.30 8.47 -7.90
N HIS A 31 11.13 8.09 -7.36
CA HIS A 31 10.03 7.57 -8.18
C HIS A 31 8.71 8.38 -8.08
N HIS A 32 8.73 9.53 -7.40
CA HIS A 32 7.54 10.37 -7.18
C HIS A 32 7.83 11.84 -7.40
N ASP A 33 6.98 12.50 -8.20
CA ASP A 33 7.13 13.93 -8.44
C ASP A 33 5.75 14.63 -8.51
N ALA A 34 5.78 15.98 -8.62
CA ALA A 34 4.56 16.79 -8.68
C ALA A 34 3.78 16.56 -9.98
N ALA A 35 4.43 16.04 -11.04
CA ALA A 35 3.75 15.76 -12.30
C ALA A 35 2.73 14.65 -12.12
N HIS A 36 3.11 13.55 -11.42
CA HIS A 36 2.22 12.43 -11.12
C HIS A 36 1.13 12.89 -10.17
N GLU A 37 1.47 13.75 -9.19
CA GLU A 37 0.48 14.34 -8.28
C GLU A 37 -0.58 15.11 -9.08
N ILE A 38 -0.17 15.90 -10.09
CA ILE A 38 -1.10 16.66 -10.94
C ILE A 38 -2.05 15.70 -11.67
N ILE A 39 -1.50 14.66 -12.31
CA ILE A 39 -2.27 13.67 -13.06
C ILE A 39 -3.26 12.96 -12.13
N GLU A 40 -2.80 12.52 -10.96
CA GLU A 40 -3.64 11.82 -9.99
C GLU A 40 -4.73 12.72 -9.38
N THR A 41 -4.44 14.01 -9.18
CA THR A 41 -5.42 14.98 -8.70
C THR A 41 -6.56 15.10 -9.74
N ILE A 42 -6.20 15.29 -11.04
CA ILE A 42 -7.16 15.38 -12.14
C ILE A 42 -8.02 14.10 -12.16
N ARG A 43 -7.39 12.91 -12.05
CA ARG A 43 -8.13 11.65 -12.07
C ARG A 43 -9.10 11.53 -10.89
N TRP A 44 -8.66 11.93 -9.68
CA TRP A 44 -9.54 11.91 -8.51
C TRP A 44 -10.74 12.85 -8.68
N VAL A 45 -10.52 14.06 -9.20
CA VAL A 45 -11.62 15.01 -9.44
C VAL A 45 -12.62 14.44 -10.50
N CYS A 46 -12.10 13.79 -11.57
CA CYS A 46 -12.94 13.14 -12.60
C CYS A 46 -13.73 11.99 -12.03
N GLU A 47 -13.10 11.21 -11.13
CA GLU A 47 -13.76 10.07 -10.52
C GLU A 47 -14.94 10.51 -9.64
N GLU A 48 -14.75 11.62 -8.95
CA GLU A 48 -15.66 12.31 -8.04
C GLU A 48 -16.80 13.02 -8.76
N ILE A 49 -16.53 13.57 -9.96
CA ILE A 49 -17.51 14.36 -10.70
C ILE A 49 -17.77 13.72 -12.07
N PRO A 50 -18.83 12.88 -12.18
CA PRO A 50 -19.12 12.21 -13.47
C PRO A 50 -19.30 13.13 -14.68
N ASP A 51 -19.90 14.33 -14.48
CA ASP A 51 -20.06 15.32 -15.57
C ASP A 51 -18.69 15.73 -16.12
N LEU A 52 -17.66 15.86 -15.23
CA LEU A 52 -16.30 16.24 -15.61
C LEU A 52 -15.64 15.19 -16.48
N LYS A 53 -15.84 13.89 -16.12
CA LYS A 53 -15.32 12.73 -16.86
C LYS A 53 -15.90 12.75 -18.26
N LEU A 54 -17.21 13.07 -18.37
CA LEU A 54 -17.92 13.19 -19.65
C LEU A 54 -17.36 14.29 -20.55
N ALA A 55 -17.18 15.53 -20.04
CA ALA A 55 -16.72 16.70 -20.81
C ALA A 55 -15.26 16.66 -21.27
N MET A 56 -14.37 16.01 -20.50
CA MET A 56 -12.94 15.97 -20.80
C MET A 56 -12.56 14.96 -21.89
N GLU A 57 -11.62 15.34 -22.78
CA GLU A 57 -11.15 14.49 -23.88
C GLU A 57 -10.34 13.28 -23.38
N ASN A 58 -10.57 12.09 -23.98
CA ASN A 58 -10.00 10.78 -23.62
C ASN A 58 -8.45 10.70 -23.54
N TYR A 59 -7.76 10.94 -24.67
CA TYR A 59 -6.31 10.88 -24.87
C TYR A 59 -5.46 11.68 -23.87
N VAL A 60 -6.00 12.80 -23.37
CA VAL A 60 -5.38 13.79 -22.47
C VAL A 60 -4.65 13.12 -21.28
N LEU A 61 -5.26 12.08 -20.69
CA LEU A 61 -4.67 11.39 -19.54
C LEU A 61 -3.91 10.10 -19.93
N ILE A 62 -3.63 9.90 -21.24
CA ILE A 62 -2.87 8.77 -21.77
C ILE A 62 -1.58 9.33 -22.39
N ASP A 63 -1.72 10.21 -23.40
CA ASP A 63 -0.64 10.85 -24.14
C ASP A 63 -0.15 12.16 -23.46
N TYR A 64 0.74 12.01 -22.48
CA TYR A 64 1.34 13.14 -21.76
C TYR A 64 2.83 12.91 -21.57
N ASP A 65 3.61 13.98 -21.54
CA ASP A 65 5.04 13.91 -21.29
C ASP A 65 5.30 14.77 -20.06
N THR A 66 5.58 14.12 -18.91
CA THR A 66 5.85 14.81 -17.63
C THR A 66 7.07 15.72 -17.67
N LYS A 67 7.97 15.49 -18.65
CA LYS A 67 9.21 16.24 -18.84
C LYS A 67 9.05 17.34 -19.88
N SER A 68 7.82 17.57 -20.37
CA SER A 68 7.54 18.60 -21.36
C SER A 68 6.60 19.63 -20.76
N PHE A 69 7.05 20.90 -20.66
CA PHE A 69 6.21 21.99 -20.13
C PHE A 69 4.93 22.16 -20.95
N GLU A 70 5.06 22.15 -22.29
CA GLU A 70 3.96 22.30 -23.24
C GLU A 70 2.93 21.18 -23.09
N SER A 71 3.38 19.93 -22.94
CA SER A 71 2.51 18.77 -22.79
C SER A 71 1.73 18.82 -21.46
N MET A 72 2.42 19.20 -20.36
CA MET A 72 1.82 19.30 -19.03
C MET A 72 0.83 20.45 -18.97
N GLN A 73 1.15 21.57 -19.64
CA GLN A 73 0.30 22.76 -19.75
C GLN A 73 -0.98 22.42 -20.53
N ARG A 74 -0.87 21.60 -21.60
CA ARG A 74 -2.01 21.14 -22.41
C ARG A 74 -2.93 20.27 -21.55
N LEU A 75 -2.35 19.37 -20.74
CA LEU A 75 -3.09 18.50 -19.84
C LEU A 75 -3.88 19.33 -18.81
N CYS A 76 -3.24 20.36 -18.20
CA CYS A 76 -3.87 21.23 -17.21
C CYS A 76 -4.96 22.06 -17.87
N ASP A 77 -4.71 22.53 -19.10
CA ASP A 77 -5.65 23.33 -19.87
C ASP A 77 -6.93 22.56 -20.19
N LYS A 78 -6.79 21.28 -20.63
CA LYS A 78 -7.91 20.38 -20.94
C LYS A 78 -8.77 20.15 -19.72
N TYR A 79 -8.14 19.92 -18.54
CA TYR A 79 -8.85 19.75 -17.28
C TYR A 79 -9.56 21.05 -16.92
N ASN A 80 -8.87 22.21 -17.01
CA ASN A 80 -9.40 23.53 -16.67
C ASN A 80 -10.59 23.97 -17.52
N ARG A 81 -10.56 23.62 -18.81
CA ARG A 81 -11.63 23.92 -19.75
C ARG A 81 -12.87 23.08 -19.42
N ALA A 82 -12.64 21.81 -19.04
CA ALA A 82 -13.68 20.87 -18.63
C ALA A 82 -14.34 21.38 -17.33
N ILE A 83 -13.52 21.87 -16.34
CA ILE A 83 -13.98 22.49 -15.10
C ILE A 83 -14.89 23.68 -15.46
N ASP A 84 -14.44 24.53 -16.39
CA ASP A 84 -15.23 25.69 -16.83
C ASP A 84 -16.58 25.27 -17.45
N SER A 85 -16.60 24.20 -18.30
CA SER A 85 -17.83 23.70 -18.93
C SER A 85 -18.84 23.22 -17.89
N ILE A 86 -18.36 22.49 -16.87
CA ILE A 86 -19.15 21.95 -15.77
C ILE A 86 -19.69 23.09 -14.91
N HIS A 87 -18.87 24.11 -14.63
CA HIS A 87 -19.33 25.30 -13.91
C HIS A 87 -20.39 26.04 -14.71
N GLN A 88 -20.31 26.05 -16.05
CA GLN A 88 -21.35 26.65 -16.90
C GLN A 88 -22.63 25.81 -16.86
N LEU A 89 -22.48 24.46 -16.90
CA LEU A 89 -23.59 23.51 -16.83
C LEU A 89 -24.36 23.67 -15.50
N TRP A 90 -23.64 23.80 -14.39
CA TRP A 90 -24.22 23.96 -13.06
C TRP A 90 -24.87 25.31 -12.85
N LYS A 91 -24.39 26.35 -13.58
CA LYS A 91 -24.92 27.71 -13.56
C LYS A 91 -26.35 27.67 -14.11
N GLY A 92 -26.58 26.87 -15.15
CA GLY A 92 -27.89 26.69 -15.75
C GLY A 92 -28.85 25.76 -15.02
N THR A 93 -28.63 25.54 -13.69
CA THR A 93 -29.42 24.71 -12.77
C THR A 93 -29.86 23.36 -13.33
N ASN A 100 -20.72 20.17 1.15
CA ASN A 100 -19.56 19.90 1.98
C ASN A 100 -19.63 18.48 2.57
N THR A 101 -19.00 17.53 1.87
CA THR A 101 -19.00 16.13 2.29
C THR A 101 -17.59 15.67 2.75
N ARG A 102 -17.51 14.55 3.50
CA ARG A 102 -16.24 14.00 3.94
C ARG A 102 -15.56 13.30 2.74
N PRO A 103 -14.22 13.34 2.64
CA PRO A 103 -13.57 12.67 1.50
C PRO A 103 -13.73 11.16 1.58
N SER A 104 -13.75 10.49 0.41
CA SER A 104 -13.74 9.03 0.38
C SER A 104 -12.35 8.61 0.95
N THR A 105 -12.19 7.36 1.33
CA THR A 105 -10.90 6.87 1.84
C THR A 105 -9.79 7.02 0.79
N GLY A 106 -10.11 6.65 -0.45
CA GLY A 106 -9.22 6.78 -1.59
C GLY A 106 -8.77 8.22 -1.78
N LEU A 107 -9.70 9.17 -1.80
CA LEU A 107 -9.35 10.58 -1.94
C LEU A 107 -8.51 11.07 -0.75
N LEU A 108 -8.91 10.70 0.47
CA LEU A 108 -8.17 11.05 1.66
C LEU A 108 -6.71 10.56 1.62
N ARG A 109 -6.46 9.33 1.13
CA ARG A 109 -5.09 8.83 1.00
C ARG A 109 -4.27 9.78 0.10
N HIS A 110 -4.87 10.18 -1.03
CA HIS A 110 -4.25 11.10 -2.00
C HIS A 110 -4.01 12.49 -1.33
N ILE A 111 -5.02 13.01 -0.64
CA ILE A 111 -4.92 14.32 0.01
C ILE A 111 -3.78 14.36 1.04
N LEU A 112 -3.71 13.35 1.91
CA LEU A 112 -2.67 13.31 2.94
C LEU A 112 -1.26 13.23 2.35
N GLN A 113 -1.08 12.44 1.28
CA GLN A 113 0.22 12.32 0.61
C GLN A 113 0.61 13.67 -0.02
N GLN A 114 -0.36 14.32 -0.67
CA GLN A 114 -0.22 15.61 -1.33
C GLN A 114 0.14 16.69 -0.27
N VAL A 115 -0.57 16.71 0.85
CA VAL A 115 -0.29 17.64 1.96
C VAL A 115 1.16 17.42 2.47
N TYR A 116 1.55 16.15 2.69
CA TYR A 116 2.90 15.82 3.13
C TYR A 116 3.96 16.32 2.12
N ASN A 117 3.73 16.03 0.81
CA ASN A 117 4.67 16.40 -0.24
C ASN A 117 4.87 17.89 -0.41
N HIS A 118 3.82 18.70 -0.14
CA HIS A 118 3.94 20.16 -0.21
C HIS A 118 4.54 20.73 1.09
N SER A 119 4.56 19.93 2.17
CA SER A 119 4.98 20.41 3.49
C SER A 119 6.36 19.98 3.95
N VAL A 120 6.65 18.69 3.83
CA VAL A 120 7.91 18.12 4.30
C VAL A 120 8.86 18.02 3.10
N THR A 121 9.48 19.15 2.80
CA THR A 121 10.37 19.32 1.66
C THR A 121 11.77 18.75 1.94
N ASP A 122 12.20 18.71 3.22
CA ASP A 122 13.50 18.17 3.62
C ASP A 122 13.25 17.04 4.65
N PRO A 123 12.88 15.82 4.17
CA PRO A 123 12.56 14.72 5.12
C PRO A 123 13.72 14.22 5.99
N GLU A 124 14.99 14.45 5.56
CA GLU A 124 16.19 14.08 6.32
C GLU A 124 16.18 14.78 7.69
N LYS A 125 15.65 16.02 7.76
CA LYS A 125 15.54 16.83 8.98
C LYS A 125 14.75 16.14 10.11
N LEU A 126 13.78 15.27 9.74
CA LEU A 126 12.95 14.53 10.70
C LEU A 126 13.77 13.58 11.58
N ASN A 127 14.91 13.08 11.03
CA ASN A 127 15.85 12.16 11.70
C ASN A 127 15.07 10.96 12.25
N ASN A 128 14.17 10.41 11.41
CA ASN A 128 13.28 9.30 11.74
C ASN A 128 13.52 8.11 10.80
N TYR A 129 14.20 7.08 11.31
CA TYR A 129 14.59 5.88 10.57
C TYR A 129 13.73 4.65 10.92
N GLU A 130 12.58 4.87 11.56
CA GLU A 130 11.68 3.81 12.01
C GLU A 130 10.50 3.54 11.04
N PRO A 131 9.82 2.36 11.14
CA PRO A 131 8.62 2.13 10.28
C PRO A 131 7.48 3.12 10.56
N PHE A 132 7.55 3.87 11.67
CA PHE A 132 6.56 4.87 12.09
C PHE A 132 6.86 6.26 11.54
N SER A 133 7.91 6.41 10.74
CA SER A 133 8.30 7.68 10.19
C SER A 133 7.20 8.33 9.32
N PRO A 134 7.02 9.66 9.42
CA PRO A 134 6.08 10.36 8.52
C PRO A 134 6.31 10.07 7.03
N GLU A 135 7.58 9.84 6.64
CA GLU A 135 8.01 9.57 5.26
C GLU A 135 7.35 8.34 4.64
N VAL A 136 6.97 7.33 5.45
CA VAL A 136 6.37 6.10 4.94
C VAL A 136 4.92 5.91 5.42
N TYR A 137 4.26 6.98 5.91
CA TYR A 137 2.90 6.94 6.49
C TYR A 137 1.89 6.24 5.58
N GLY A 138 1.99 6.49 4.27
CA GLY A 138 1.08 5.94 3.28
C GLY A 138 1.20 4.44 3.09
N GLU A 139 2.33 3.81 3.48
CA GLU A 139 2.53 2.36 3.25
C GLU A 139 1.61 1.42 4.07
N THR A 140 1.56 1.60 5.39
CA THR A 140 0.77 0.76 6.29
C THR A 140 -0.05 1.62 7.28
N SER A 141 0.57 2.66 7.84
CA SER A 141 -0.08 3.51 8.87
C SER A 141 -1.44 4.05 8.47
N PHE A 142 -1.57 4.59 7.21
CA PHE A 142 -2.84 5.10 6.72
C PHE A 142 -3.93 4.01 6.81
N ASP A 143 -3.63 2.79 6.31
CA ASP A 143 -4.60 1.67 6.32
C ASP A 143 -4.95 1.22 7.71
N LEU A 144 -3.96 1.15 8.62
CA LEU A 144 -4.19 0.74 9.99
C LEU A 144 -5.01 1.80 10.76
N VAL A 145 -4.73 3.10 10.53
CA VAL A 145 -5.52 4.20 11.10
C VAL A 145 -6.96 4.14 10.57
N ALA A 146 -7.16 3.85 9.24
CA ALA A 146 -8.50 3.70 8.64
C ALA A 146 -9.28 2.55 9.35
N GLN A 147 -8.59 1.43 9.64
CA GLN A 147 -9.14 0.27 10.34
C GLN A 147 -9.50 0.64 11.78
N MET A 148 -8.62 1.38 12.46
CA MET A 148 -8.81 1.89 13.81
C MET A 148 -10.08 2.78 13.87
N ILE A 149 -10.24 3.73 12.92
CA ILE A 149 -11.39 4.63 12.84
C ILE A 149 -12.68 3.78 12.75
N ASP A 150 -12.70 2.76 11.87
CA ASP A 150 -13.88 1.88 11.70
C ASP A 150 -14.18 1.03 12.95
N GLU A 151 -13.15 0.68 13.73
CA GLU A 151 -13.29 -0.13 14.95
C GLU A 151 -13.77 0.64 16.17
N ILE A 152 -13.24 1.85 16.43
CA ILE A 152 -13.56 2.57 17.66
C ILE A 152 -14.86 3.44 17.54
N LYS A 153 -15.25 3.86 16.34
CA LYS A 153 -16.55 4.53 16.09
C LYS A 153 -16.88 5.73 17.01
N MET A 154 -16.07 6.76 16.93
CA MET A 154 -16.20 7.99 17.70
C MET A 154 -17.45 8.80 17.30
N THR A 155 -17.97 9.58 18.25
CA THR A 155 -19.13 10.46 18.05
C THR A 155 -18.76 11.91 18.39
N ASP A 156 -19.75 12.83 18.29
CA ASP A 156 -19.58 14.25 18.61
C ASP A 156 -19.30 14.48 20.10
N ASP A 157 -19.48 13.44 20.94
CA ASP A 157 -19.18 13.53 22.38
C ASP A 157 -17.71 13.24 22.65
N ASP A 158 -16.98 12.71 21.65
CA ASP A 158 -15.57 12.33 21.84
C ASP A 158 -14.58 13.47 21.60
N LEU A 159 -13.44 13.38 22.32
CA LEU A 159 -12.28 14.24 22.18
C LEU A 159 -11.12 13.30 21.91
N PHE A 160 -10.45 13.52 20.78
CA PHE A 160 -9.34 12.69 20.32
C PHE A 160 -8.02 13.43 20.48
N VAL A 161 -7.01 12.73 21.04
CA VAL A 161 -5.69 13.31 21.24
C VAL A 161 -4.62 12.31 20.77
N ASP A 162 -3.72 12.75 19.89
CA ASP A 162 -2.57 11.96 19.50
C ASP A 162 -1.38 12.51 20.32
N LEU A 163 -0.83 11.68 21.22
CA LEU A 163 0.32 12.03 22.08
C LEU A 163 1.62 11.71 21.33
N GLY A 164 2.34 12.75 20.93
CA GLY A 164 3.57 12.62 20.14
C GLY A 164 3.14 12.50 18.70
N SER A 165 2.46 13.54 18.20
CA SER A 165 1.75 13.56 16.92
C SER A 165 2.61 13.74 15.64
N GLY A 166 3.92 13.92 15.79
CA GLY A 166 4.83 14.07 14.65
C GLY A 166 4.48 15.29 13.82
N VAL A 167 4.21 15.08 12.52
CA VAL A 167 3.82 16.17 11.62
C VAL A 167 2.28 16.29 11.51
N GLY A 168 1.57 15.50 12.32
CA GLY A 168 0.12 15.56 12.44
C GLY A 168 -0.73 14.70 11.52
N GLN A 169 -0.11 13.74 10.81
CA GLN A 169 -0.80 12.86 9.85
C GLN A 169 -1.98 12.10 10.42
N VAL A 170 -1.85 11.53 11.65
CA VAL A 170 -2.95 10.77 12.27
C VAL A 170 -4.11 11.74 12.62
N VAL A 171 -3.80 12.90 13.20
CA VAL A 171 -4.80 13.90 13.54
C VAL A 171 -5.60 14.34 12.29
N LEU A 172 -4.89 14.62 11.19
CA LEU A 172 -5.52 15.05 9.91
C LEU A 172 -6.43 13.96 9.37
N GLN A 173 -5.96 12.67 9.43
CA GLN A 173 -6.75 11.56 8.92
C GLN A 173 -8.03 11.38 9.73
N VAL A 174 -7.89 11.34 11.07
CA VAL A 174 -9.02 11.15 11.99
C VAL A 174 -9.99 12.32 11.88
N ALA A 175 -9.49 13.58 11.83
CA ALA A 175 -10.38 14.77 11.66
C ALA A 175 -11.15 14.75 10.32
N ALA A 176 -10.55 14.20 9.25
CA ALA A 176 -11.25 14.15 7.95
C ALA A 176 -12.31 13.06 7.97
N ALA A 177 -12.11 12.02 8.82
CA ALA A 177 -13.01 10.87 8.82
C ALA A 177 -14.08 10.86 9.90
N THR A 178 -13.84 11.48 11.07
CA THR A 178 -14.80 11.39 12.18
C THR A 178 -15.49 12.70 12.53
N ASN A 179 -16.53 12.60 13.39
CA ASN A 179 -17.22 13.78 13.89
C ASN A 179 -16.90 14.05 15.39
N CYS A 180 -15.66 13.72 15.87
CA CYS A 180 -15.24 14.05 17.26
C CYS A 180 -15.40 15.55 17.38
N LYS A 181 -15.75 16.00 18.60
CA LYS A 181 -15.91 17.43 18.91
C LYS A 181 -14.59 18.18 18.52
N HIS A 182 -13.44 17.60 18.88
CA HIS A 182 -12.13 18.18 18.57
C HIS A 182 -11.08 17.11 18.53
N HIS A 183 -10.07 17.32 17.69
CA HIS A 183 -8.92 16.44 17.51
C HIS A 183 -7.68 17.25 17.83
N TYR A 184 -6.79 16.69 18.66
CA TYR A 184 -5.59 17.38 19.04
C TYR A 184 -4.39 16.53 18.74
N GLY A 185 -3.32 17.20 18.38
CA GLY A 185 -2.02 16.58 18.22
C GLY A 185 -1.05 17.35 19.09
N VAL A 186 -0.28 16.66 19.92
CA VAL A 186 0.74 17.32 20.75
C VAL A 186 2.10 16.72 20.40
N GLU A 187 3.05 17.57 20.03
CA GLU A 187 4.39 17.13 19.63
C GLU A 187 5.47 17.99 20.34
N LYS A 188 6.45 17.34 20.97
CA LYS A 188 7.54 17.96 21.73
C LYS A 188 8.70 18.42 20.85
N ALA A 189 9.12 17.59 19.87
CA ALA A 189 10.28 17.91 19.02
C ALA A 189 10.01 19.10 18.07
N ASP A 190 11.00 20.03 18.00
CA ASP A 190 10.95 21.24 17.19
C ASP A 190 10.73 21.03 15.72
N ILE A 191 11.52 20.14 15.05
CA ILE A 191 11.43 19.91 13.60
C ILE A 191 10.03 19.36 13.20
N PRO A 192 9.51 18.21 13.73
CA PRO A 192 8.17 17.78 13.31
C PRO A 192 7.08 18.79 13.69
N ALA A 193 7.17 19.46 14.87
CA ALA A 193 6.19 20.49 15.29
C ALA A 193 6.14 21.66 14.30
N LYS A 194 7.31 22.10 13.79
CA LYS A 194 7.41 23.17 12.80
C LYS A 194 6.77 22.71 11.48
N TYR A 195 7.09 21.47 11.03
CA TYR A 195 6.51 20.88 9.83
C TYR A 195 4.97 20.72 9.97
N ALA A 196 4.48 20.37 11.17
CA ALA A 196 3.04 20.24 11.47
C ALA A 196 2.27 21.56 11.19
N GLU A 197 2.93 22.72 11.39
CA GLU A 197 2.33 24.04 11.12
C GLU A 197 2.06 24.19 9.62
N THR A 198 2.99 23.69 8.77
CA THR A 198 2.81 23.71 7.31
C THR A 198 1.76 22.67 6.91
N MET A 199 1.81 21.46 7.52
CA MET A 199 0.82 20.39 7.25
C MET A 199 -0.61 20.92 7.50
N ASP A 200 -0.79 21.64 8.63
CA ASP A 200 -2.07 22.24 9.03
C ASP A 200 -2.61 23.20 7.93
N ARG A 201 -1.78 24.18 7.51
CA ARG A 201 -2.10 25.15 6.46
C ARG A 201 -2.41 24.45 5.13
N GLU A 202 -1.53 23.54 4.68
CA GLU A 202 -1.69 22.80 3.43
C GLU A 202 -2.94 21.92 3.44
N PHE A 203 -3.26 21.30 4.59
CA PHE A 203 -4.44 20.45 4.70
C PHE A 203 -5.72 21.28 4.53
N ARG A 204 -5.83 22.39 5.24
CA ARG A 204 -7.00 23.27 5.16
C ARG A 204 -7.19 23.80 3.74
N LYS A 205 -6.06 24.19 3.08
CA LYS A 205 -6.06 24.70 1.70
C LYS A 205 -6.53 23.63 0.70
N TRP A 206 -5.91 22.44 0.73
CA TRP A 206 -6.28 21.35 -0.17
C TRP A 206 -7.71 20.86 0.07
N MET A 207 -8.14 20.73 1.34
CA MET A 207 -9.52 20.30 1.63
C MET A 207 -10.54 21.29 1.04
N LYS A 208 -10.25 22.61 1.11
CA LYS A 208 -11.09 23.64 0.49
C LYS A 208 -11.04 23.52 -1.04
N TRP A 209 -9.86 23.22 -1.61
CA TRP A 209 -9.72 23.07 -3.06
C TRP A 209 -10.63 21.94 -3.60
N TYR A 210 -10.67 20.78 -2.92
CA TYR A 210 -11.50 19.63 -3.31
C TYR A 210 -12.96 19.82 -2.93
N GLY A 211 -13.22 20.71 -1.97
CA GLY A 211 -14.56 20.99 -1.44
C GLY A 211 -14.99 19.98 -0.41
N LYS A 212 -14.03 19.52 0.41
CA LYS A 212 -14.27 18.49 1.41
C LYS A 212 -14.28 18.99 2.83
N LYS A 213 -15.18 18.43 3.63
CA LYS A 213 -15.39 18.76 5.04
C LYS A 213 -14.44 17.93 5.96
N HIS A 214 -14.07 18.52 7.10
CA HIS A 214 -13.27 17.87 8.14
C HIS A 214 -13.71 18.44 9.47
N ALA A 215 -13.49 17.71 10.56
CA ALA A 215 -13.79 18.15 11.91
C ALA A 215 -12.73 19.16 12.33
N GLU A 216 -12.96 19.85 13.45
CA GLU A 216 -12.04 20.81 14.03
C GLU A 216 -10.84 20.08 14.59
N TYR A 217 -9.65 20.66 14.45
CA TYR A 217 -8.43 20.05 14.98
C TYR A 217 -7.42 21.12 15.31
N THR A 218 -6.49 20.82 16.21
CA THR A 218 -5.40 21.69 16.60
C THR A 218 -4.15 20.84 16.70
N LEU A 219 -3.07 21.31 16.09
CA LEU A 219 -1.77 20.69 16.16
C LEU A 219 -0.94 21.63 17.01
N GLU A 220 -0.41 21.15 18.12
CA GLU A 220 0.37 22.03 18.99
C GLU A 220 1.71 21.45 19.40
N ARG A 221 2.65 22.35 19.69
CA ARG A 221 3.94 21.97 20.21
C ARG A 221 3.75 21.94 21.74
N GLY A 222 4.32 20.95 22.40
CA GLY A 222 4.22 20.82 23.84
C GLY A 222 4.71 19.47 24.32
N ASP A 223 4.83 19.32 25.63
CA ASP A 223 5.24 18.10 26.30
C ASP A 223 3.99 17.53 26.95
N PHE A 224 3.54 16.34 26.52
CA PHE A 224 2.32 15.75 27.09
C PHE A 224 2.49 15.30 28.56
N LEU A 225 3.71 15.41 29.12
CA LEU A 225 3.94 15.07 30.52
C LEU A 225 3.90 16.32 31.43
N SER A 226 3.68 17.52 30.85
CA SER A 226 3.57 18.78 31.59
C SER A 226 2.34 18.80 32.50
N GLU A 227 2.32 19.72 33.49
CA GLU A 227 1.21 19.91 34.42
C GLU A 227 -0.10 20.23 33.71
N GLU A 228 -0.04 21.12 32.70
CA GLU A 228 -1.15 21.53 31.84
C GLU A 228 -1.79 20.31 31.14
N TRP A 229 -0.96 19.35 30.66
CA TRP A 229 -1.46 18.18 29.97
C TRP A 229 -2.07 17.10 30.89
N ARG A 230 -1.86 17.17 32.24
CA ARG A 230 -2.44 16.20 33.18
C ARG A 230 -3.97 16.19 33.12
N GLU A 231 -4.58 17.38 33.21
CA GLU A 231 -6.02 17.52 33.19
C GLU A 231 -6.55 17.28 31.78
N ARG A 232 -5.78 17.66 30.77
CA ARG A 232 -6.16 17.49 29.37
C ARG A 232 -6.27 15.99 29.02
N ILE A 233 -5.31 15.17 29.49
CA ILE A 233 -5.37 13.70 29.31
C ILE A 233 -6.56 13.14 30.10
N ALA A 234 -6.77 13.61 31.38
CA ALA A 234 -7.88 13.15 32.22
C ALA A 234 -9.23 13.37 31.53
N ASN A 235 -9.36 14.46 30.76
CA ASN A 235 -10.59 14.83 30.06
C ASN A 235 -10.68 14.33 28.62
N THR A 236 -9.73 13.50 28.16
CA THR A 236 -9.72 12.95 26.79
C THR A 236 -10.47 11.63 26.75
N SER A 237 -11.34 11.44 25.76
CA SER A 237 -12.09 10.18 25.67
C SER A 237 -11.37 9.13 24.79
N VAL A 238 -10.58 9.58 23.79
CA VAL A 238 -9.79 8.69 22.93
C VAL A 238 -8.34 9.20 22.81
N ILE A 239 -7.38 8.45 23.38
CA ILE A 239 -5.94 8.74 23.30
C ILE A 239 -5.37 7.81 22.20
N PHE A 240 -4.57 8.36 21.29
CA PHE A 240 -3.83 7.58 20.29
C PHE A 240 -2.37 7.81 20.67
N VAL A 241 -1.56 6.76 20.74
CA VAL A 241 -0.16 6.99 21.11
C VAL A 241 0.75 5.94 20.48
N ASN A 242 1.79 6.40 19.76
CA ASN A 242 2.80 5.47 19.28
C ASN A 242 3.84 5.43 20.39
N ASN A 243 3.72 4.44 21.30
CA ASN A 243 4.59 4.31 22.49
C ASN A 243 5.69 3.24 22.28
N PHE A 244 5.89 2.79 21.02
CA PHE A 244 6.85 1.76 20.68
C PHE A 244 8.26 2.01 21.23
N ALA A 245 8.76 3.24 21.07
CA ALA A 245 10.13 3.60 21.49
C ALA A 245 10.21 4.22 22.89
N PHE A 246 9.10 4.28 23.66
CA PHE A 246 9.12 4.92 24.97
C PHE A 246 9.95 4.15 25.98
N GLY A 247 10.78 4.87 26.71
CA GLY A 247 11.59 4.31 27.79
C GLY A 247 10.77 4.12 29.05
N PRO A 248 11.36 3.56 30.12
CA PRO A 248 10.56 3.29 31.34
C PRO A 248 10.00 4.51 32.06
N GLU A 249 10.71 5.63 32.07
CA GLU A 249 10.29 6.86 32.75
C GLU A 249 9.06 7.49 32.07
N VAL A 250 9.10 7.66 30.73
CA VAL A 250 7.98 8.21 29.98
C VAL A 250 6.77 7.27 30.12
N ASP A 251 6.99 5.95 29.98
CA ASP A 251 5.95 4.92 30.14
C ASP A 251 5.30 4.99 31.53
N HIS A 252 6.13 5.06 32.60
CA HIS A 252 5.66 5.15 33.99
C HIS A 252 4.84 6.42 34.19
N GLN A 253 5.35 7.58 33.73
CA GLN A 253 4.67 8.87 33.87
C GLN A 253 3.33 8.90 33.13
N LEU A 254 3.28 8.32 31.93
CA LEU A 254 2.09 8.26 31.11
C LEU A 254 1.00 7.39 31.75
N LYS A 255 1.36 6.26 32.33
CA LYS A 255 0.40 5.40 33.06
C LYS A 255 -0.23 6.16 34.25
N GLU A 256 0.54 7.04 34.91
CA GLU A 256 0.04 7.88 36.01
C GLU A 256 -1.00 8.87 35.44
N ARG A 257 -0.77 9.39 34.21
CA ARG A 257 -1.73 10.29 33.54
C ARG A 257 -3.00 9.54 33.17
N PHE A 258 -2.87 8.28 32.68
CA PHE A 258 -4.01 7.45 32.29
C PHE A 258 -4.89 7.08 33.48
N ALA A 259 -4.28 6.95 34.67
CA ALA A 259 -4.94 6.61 35.93
C ALA A 259 -5.96 7.69 36.36
N ASN A 260 -5.94 8.87 35.71
CA ASN A 260 -6.92 9.94 35.96
C ASN A 260 -8.04 9.99 34.92
N MET A 261 -7.98 9.13 33.88
CA MET A 261 -9.04 9.14 32.85
C MET A 261 -10.39 8.62 33.39
N LYS A 262 -11.49 8.96 32.70
CA LYS A 262 -12.85 8.58 33.12
C LYS A 262 -13.14 7.16 32.67
N GLU A 263 -14.14 6.48 33.27
CA GLU A 263 -14.60 5.14 32.85
C GLU A 263 -14.97 5.19 31.39
N GLY A 264 -14.58 4.17 30.63
CA GLY A 264 -14.90 4.11 29.22
C GLY A 264 -13.92 4.89 28.36
N GLY A 265 -12.97 5.59 28.99
CA GLY A 265 -11.94 6.29 28.25
C GLY A 265 -11.12 5.25 27.50
N ARG A 266 -10.66 5.57 26.28
CA ARG A 266 -9.94 4.59 25.48
C ARG A 266 -8.55 5.05 25.07
N ILE A 267 -7.62 4.09 25.00
CA ILE A 267 -6.25 4.33 24.58
C ILE A 267 -5.88 3.31 23.49
N VAL A 268 -5.49 3.81 22.33
CA VAL A 268 -5.04 2.98 21.21
C VAL A 268 -3.53 3.19 21.07
N SER A 269 -2.77 2.09 21.09
CA SER A 269 -1.31 2.20 21.08
C SER A 269 -0.64 1.08 20.25
N SER A 270 0.66 1.25 19.99
CA SER A 270 1.46 0.27 19.23
C SER A 270 2.04 -0.82 20.16
N LYS A 271 2.17 -0.54 21.49
CA LYS A 271 2.57 -1.55 22.47
C LYS A 271 1.58 -1.49 23.65
N PRO A 272 1.14 -2.65 24.19
CA PRO A 272 0.19 -2.60 25.33
C PRO A 272 0.78 -1.97 26.59
N PHE A 273 -0.04 -1.19 27.32
CA PHE A 273 0.36 -0.56 28.58
C PHE A 273 0.18 -1.53 29.74
N ALA A 274 -0.59 -2.59 29.54
CA ALA A 274 -0.81 -3.62 30.55
C ALA A 274 -0.82 -4.98 29.86
N PRO A 275 -0.47 -6.09 30.55
CA PRO A 275 -0.48 -7.40 29.88
C PRO A 275 -1.89 -7.76 29.43
N LEU A 276 -1.99 -8.45 28.29
CA LEU A 276 -3.24 -8.90 27.70
C LEU A 276 -3.95 -9.94 28.57
N ASN A 277 -3.18 -10.69 29.35
CA ASN A 277 -3.64 -11.74 30.24
C ASN A 277 -3.56 -11.30 31.72
N PHE A 278 -3.64 -9.99 32.01
CA PHE A 278 -3.53 -9.48 33.40
C PHE A 278 -4.52 -10.17 34.33
N ARG A 279 -4.02 -10.66 35.47
CA ARG A 279 -4.84 -11.29 36.49
C ARG A 279 -4.58 -10.60 37.81
N ILE A 280 -5.59 -9.87 38.28
CA ILE A 280 -5.48 -9.12 39.52
C ILE A 280 -5.28 -10.07 40.73
N ASN A 281 -4.33 -9.72 41.61
CA ASN A 281 -4.10 -10.46 42.84
C ASN A 281 -3.59 -9.48 43.88
N SER A 282 -3.27 -9.97 45.09
CA SER A 282 -2.80 -9.15 46.18
C SER A 282 -1.43 -8.48 45.95
N ARG A 283 -0.64 -8.98 45.00
CA ARG A 283 0.72 -8.47 44.74
C ARG A 283 0.84 -7.46 43.60
N ASN A 284 -0.20 -7.29 42.76
CA ASN A 284 -0.17 -6.34 41.62
C ASN A 284 -1.27 -5.25 41.68
N LEU A 285 -1.80 -4.92 42.88
CA LEU A 285 -2.90 -3.95 43.03
C LEU A 285 -2.59 -2.53 42.58
N SER A 286 -1.30 -2.25 42.39
CA SER A 286 -0.81 -0.95 41.98
C SER A 286 -0.59 -0.84 40.46
N ASP A 287 -0.69 -1.95 39.73
CA ASP A 287 -0.48 -1.97 38.27
C ASP A 287 -1.68 -1.38 37.53
N ILE A 288 -1.41 -0.74 36.38
CA ILE A 288 -2.44 -0.11 35.54
C ILE A 288 -3.49 -1.13 35.06
N GLY A 289 -3.10 -2.42 34.99
CA GLY A 289 -4.00 -3.51 34.58
C GLY A 289 -5.22 -3.66 35.46
N THR A 290 -5.17 -3.12 36.70
CA THR A 290 -6.29 -3.18 37.64
C THR A 290 -7.44 -2.25 37.23
N ILE A 291 -7.20 -1.30 36.31
CA ILE A 291 -8.23 -0.30 35.96
C ILE A 291 -8.44 -0.22 34.46
N MET A 292 -7.89 -1.13 33.70
CA MET A 292 -8.14 -1.09 32.24
C MET A 292 -8.22 -2.45 31.59
N ARG A 293 -9.18 -2.60 30.66
CA ARG A 293 -9.26 -3.79 29.81
C ARG A 293 -8.22 -3.56 28.69
N VAL A 294 -7.63 -4.64 28.15
CA VAL A 294 -6.68 -4.52 27.06
C VAL A 294 -6.95 -5.61 26.06
N VAL A 295 -7.09 -5.24 24.78
CA VAL A 295 -7.29 -6.19 23.68
C VAL A 295 -6.35 -5.86 22.51
N GLU A 296 -5.91 -6.89 21.81
CA GLU A 296 -5.10 -6.75 20.61
C GLU A 296 -6.04 -6.73 19.43
N LEU A 297 -5.93 -5.72 18.57
CA LEU A 297 -6.72 -5.61 17.37
C LEU A 297 -5.85 -5.83 16.15
N SER A 298 -6.14 -6.87 15.39
CA SER A 298 -5.36 -7.17 14.19
C SER A 298 -6.27 -7.25 12.99
N PRO A 299 -6.02 -6.44 11.95
CA PRO A 299 -6.85 -6.53 10.74
C PRO A 299 -6.84 -7.91 10.08
N LEU A 300 -5.84 -8.75 10.38
CA LEU A 300 -5.80 -10.12 9.89
C LEU A 300 -6.86 -11.01 10.54
N LYS A 301 -7.39 -10.64 11.72
CA LYS A 301 -8.43 -11.40 12.44
C LYS A 301 -9.85 -11.06 11.98
N SER A 305 -10.91 -8.22 4.83
CA SER A 305 -10.13 -8.58 3.65
C SER A 305 -8.73 -7.89 3.60
N TRP A 306 -7.97 -7.97 4.71
CA TRP A 306 -6.63 -7.38 4.86
C TRP A 306 -5.56 -8.23 4.17
N THR A 307 -4.79 -7.61 3.26
CA THR A 307 -3.68 -8.26 2.56
C THR A 307 -2.36 -7.49 2.77
N GLY A 308 -2.36 -6.51 3.68
CA GLY A 308 -1.18 -5.75 4.01
C GLY A 308 -0.28 -6.47 5.01
N LYS A 309 0.61 -5.72 5.66
CA LYS A 309 1.54 -6.25 6.66
C LYS A 309 0.81 -6.91 7.84
N PRO A 310 1.40 -7.97 8.44
CA PRO A 310 0.75 -8.63 9.59
C PRO A 310 0.98 -7.81 10.88
N VAL A 311 0.26 -6.69 10.99
CA VAL A 311 0.43 -5.72 12.07
C VAL A 311 -0.76 -5.70 13.01
N SER A 312 -0.55 -5.18 14.21
CA SER A 312 -1.54 -5.11 15.29
C SER A 312 -1.41 -3.79 16.01
N TYR A 313 -2.48 -3.42 16.69
CA TYR A 313 -2.47 -2.29 17.61
C TYR A 313 -3.27 -2.74 18.85
N TYR A 314 -3.19 -1.96 19.93
CA TYR A 314 -3.78 -2.34 21.21
C TYR A 314 -4.80 -1.36 21.68
N LEU A 315 -5.98 -1.87 22.05
CA LEU A 315 -7.06 -1.05 22.57
C LEU A 315 -7.21 -1.26 24.08
N HIS A 316 -7.08 -0.17 24.86
CA HIS A 316 -7.24 -0.14 26.31
C HIS A 316 -8.52 0.63 26.65
N THR A 317 -9.35 0.10 27.56
CA THR A 317 -10.57 0.75 27.98
C THR A 317 -10.55 0.89 29.49
N ILE A 318 -10.61 2.14 29.99
CA ILE A 318 -10.63 2.41 31.44
C ILE A 318 -11.85 1.72 32.02
N ASP A 319 -11.64 0.80 32.95
CA ASP A 319 -12.74 0.10 33.59
C ASP A 319 -12.32 -0.22 35.06
N ARG A 320 -12.73 0.66 36.00
CA ARG A 320 -12.38 0.49 37.42
C ARG A 320 -13.17 -0.61 38.11
N THR A 321 -14.16 -1.25 37.42
CA THR A 321 -14.87 -2.37 38.03
C THR A 321 -13.94 -3.62 38.12
N ILE A 322 -12.81 -3.65 37.39
CA ILE A 322 -11.85 -4.76 37.51
C ILE A 322 -11.36 -4.77 38.99
N LEU A 323 -10.96 -3.59 39.48
CA LEU A 323 -10.47 -3.39 40.84
C LEU A 323 -11.63 -3.57 41.83
N GLU A 324 -12.81 -3.00 41.52
CA GLU A 324 -13.97 -3.11 42.40
C GLU A 324 -14.38 -4.57 42.64
N ASN A 325 -14.35 -5.40 41.57
CA ASN A 325 -14.73 -6.83 41.65
C ASN A 325 -13.75 -7.60 42.51
N TYR A 326 -12.46 -7.22 42.48
CA TYR A 326 -11.43 -7.84 43.32
C TYR A 326 -11.76 -7.58 44.80
N PHE A 327 -12.08 -6.31 45.18
CA PHE A 327 -12.44 -5.99 46.58
C PHE A 327 -13.77 -6.62 46.99
N SER A 328 -14.81 -6.62 46.12
CA SER A 328 -16.09 -7.23 46.50
C SER A 328 -15.99 -8.75 46.62
N SER A 329 -15.06 -9.38 45.87
CA SER A 329 -14.83 -10.82 45.94
C SER A 329 -14.14 -11.21 47.26
N LEU A 330 -13.24 -10.34 47.79
CA LEU A 330 -12.61 -10.52 49.10
C LEU A 330 -13.65 -10.45 50.22
N LYS A 331 -14.63 -9.52 50.11
CA LYS A 331 -15.70 -9.28 51.09
C LYS A 331 -16.89 -10.25 50.89
N ASN A 332 -16.93 -10.94 49.73
CA ASN A 332 -17.98 -11.92 49.41
C ASN A 332 -17.38 -13.27 48.98
N PRO A 333 -16.64 -14.01 49.85
CA PRO A 333 -16.09 -15.31 49.40
C PRO A 333 -17.18 -16.39 49.27
N LYS B 5 27.42 -18.96 14.01
CA LYS B 5 27.57 -18.20 15.26
C LYS B 5 26.82 -16.83 15.16
N LEU B 6 27.42 -15.84 14.44
CA LEU B 6 26.85 -14.49 14.25
C LEU B 6 25.73 -14.55 13.23
N GLU B 7 24.62 -15.21 13.62
CA GLU B 7 23.52 -15.39 12.67
C GLU B 7 22.21 -15.67 13.36
N LEU B 8 21.10 -15.58 12.61
CA LEU B 8 19.76 -15.88 13.07
C LEU B 8 19.18 -16.91 12.12
N ARG B 9 18.47 -17.92 12.67
CA ARG B 9 17.85 -18.99 11.87
C ARG B 9 16.36 -19.11 12.12
N LEU B 10 15.62 -19.30 11.03
CA LEU B 10 14.19 -19.56 11.07
C LEU B 10 13.96 -20.90 10.41
N LYS B 11 13.42 -21.85 11.17
CA LYS B 11 13.09 -23.18 10.68
C LYS B 11 11.86 -23.07 9.81
N SER B 12 11.86 -23.84 8.73
CA SER B 12 10.75 -23.88 7.79
C SER B 12 9.56 -24.57 8.44
N PRO B 13 8.31 -24.05 8.27
CA PRO B 13 7.14 -24.80 8.80
C PRO B 13 6.88 -26.14 8.09
N VAL B 14 7.52 -26.41 6.93
CA VAL B 14 7.31 -27.69 6.21
C VAL B 14 8.59 -28.55 6.17
N GLY B 15 9.60 -28.19 6.94
CA GLY B 15 10.81 -29.00 7.01
C GLY B 15 11.79 -28.80 5.89
N ALA B 16 11.67 -27.69 5.12
CA ALA B 16 12.64 -27.35 4.09
C ALA B 16 13.89 -26.81 4.85
N GLU B 17 14.99 -26.50 4.15
CA GLU B 17 16.22 -25.95 4.75
C GLU B 17 15.91 -24.64 5.51
N PRO B 18 16.53 -24.41 6.69
CA PRO B 18 16.21 -23.18 7.44
C PRO B 18 16.65 -21.90 6.74
N ALA B 19 15.94 -20.79 7.00
CA ALA B 19 16.33 -19.49 6.48
C ALA B 19 17.45 -18.99 7.42
N VAL B 20 18.62 -18.64 6.87
CA VAL B 20 19.79 -18.21 7.66
C VAL B 20 20.13 -16.76 7.34
N TYR B 21 20.13 -15.89 8.37
CA TYR B 21 20.43 -14.48 8.16
C TYR B 21 21.72 -14.15 8.89
N PRO B 22 22.66 -13.37 8.33
CA PRO B 22 23.83 -12.98 9.12
C PRO B 22 23.48 -11.85 10.10
N TRP B 23 24.27 -11.71 11.16
CA TRP B 23 24.15 -10.59 12.09
C TRP B 23 25.49 -9.83 11.95
N PRO B 24 25.51 -8.47 11.82
CA PRO B 24 24.36 -7.53 11.79
C PRO B 24 23.43 -7.81 10.61
N LEU B 25 22.13 -7.63 10.83
CA LEU B 25 21.11 -7.90 9.81
C LEU B 25 21.15 -6.90 8.65
N PRO B 26 21.01 -7.37 7.39
CA PRO B 26 20.97 -6.43 6.25
C PRO B 26 19.89 -5.35 6.36
N VAL B 27 20.20 -4.18 5.83
CA VAL B 27 19.30 -3.05 5.76
C VAL B 27 18.88 -2.97 4.27
N TYR B 28 17.59 -2.83 4.01
CA TYR B 28 17.04 -2.76 2.65
C TYR B 28 16.92 -1.31 2.14
N ASP B 29 16.37 -0.39 2.98
CA ASP B 29 16.30 1.05 2.75
C ASP B 29 16.26 1.78 4.11
N LYS B 30 16.07 3.10 4.12
CA LYS B 30 16.03 3.92 5.35
C LYS B 30 15.00 3.47 6.40
N HIS B 31 13.87 2.87 5.94
CA HIS B 31 12.78 2.47 6.85
C HIS B 31 12.44 0.96 6.84
N HIS B 32 13.24 0.14 6.13
CA HIS B 32 12.99 -1.31 5.98
C HIS B 32 14.25 -2.10 6.16
N ASP B 33 14.19 -3.16 7.00
CA ASP B 33 15.35 -4.03 7.23
C ASP B 33 14.95 -5.50 7.39
N ALA B 34 15.97 -6.39 7.48
CA ALA B 34 15.77 -7.82 7.64
C ALA B 34 15.16 -8.19 8.98
N ALA B 35 15.29 -7.32 10.01
CA ALA B 35 14.71 -7.60 11.34
C ALA B 35 13.21 -7.60 11.25
N HIS B 36 12.64 -6.60 10.52
CA HIS B 36 11.21 -6.48 10.29
C HIS B 36 10.71 -7.62 9.41
N GLU B 37 11.50 -8.00 8.42
CA GLU B 37 11.19 -9.15 7.58
C GLU B 37 11.11 -10.44 8.43
N ILE B 38 12.04 -10.62 9.38
CA ILE B 38 12.02 -11.79 10.29
C ILE B 38 10.74 -11.82 11.11
N ILE B 39 10.41 -10.70 11.75
CA ILE B 39 9.20 -10.58 12.58
C ILE B 39 7.95 -10.86 11.75
N GLU B 40 7.86 -10.24 10.56
CA GLU B 40 6.70 -10.40 9.68
C GLU B 40 6.57 -11.82 9.13
N THR B 41 7.71 -12.48 8.85
CA THR B 41 7.71 -13.89 8.40
C THR B 41 7.10 -14.77 9.53
N ILE B 42 7.61 -14.61 10.78
CA ILE B 42 7.11 -15.37 11.93
C ILE B 42 5.59 -15.13 12.08
N ARG B 43 5.15 -13.85 11.99
CA ARG B 43 3.74 -13.53 12.13
C ARG B 43 2.91 -14.17 11.02
N TRP B 44 3.38 -14.13 9.75
CA TRP B 44 2.65 -14.78 8.66
C TRP B 44 2.53 -16.29 8.86
N VAL B 45 3.62 -16.94 9.29
CA VAL B 45 3.59 -18.40 9.53
C VAL B 45 2.59 -18.74 10.64
N CYS B 46 2.61 -17.95 11.73
CA CYS B 46 1.68 -18.15 12.85
C CYS B 46 0.25 -17.88 12.48
N GLU B 47 0.01 -16.88 11.63
CA GLU B 47 -1.33 -16.52 11.18
C GLU B 47 -1.91 -17.66 10.36
N GLU B 48 -1.08 -18.30 9.57
CA GLU B 48 -1.65 -19.32 8.70
C GLU B 48 -1.51 -20.75 9.22
N ILE B 49 -0.78 -20.96 10.33
CA ILE B 49 -0.74 -22.27 10.99
C ILE B 49 -1.30 -22.11 12.41
N PRO B 50 -2.62 -22.33 12.61
CA PRO B 50 -3.22 -22.14 13.96
C PRO B 50 -2.54 -22.90 15.10
N ASP B 51 -2.08 -24.14 14.85
CA ASP B 51 -1.38 -24.92 15.90
C ASP B 51 -0.10 -24.20 16.34
N LEU B 52 0.58 -23.59 15.36
CA LEU B 52 1.81 -22.85 15.62
C LEU B 52 1.57 -21.63 16.53
N LYS B 53 0.54 -20.83 16.24
CA LYS B 53 0.15 -19.67 17.06
C LYS B 53 -0.17 -20.14 18.48
N LEU B 54 -0.87 -21.31 18.64
CA LEU B 54 -1.14 -21.89 19.95
C LEU B 54 0.15 -22.27 20.68
N ALA B 55 1.08 -22.94 19.96
CA ALA B 55 2.32 -23.41 20.60
C ALA B 55 3.29 -22.30 20.93
N MET B 56 3.33 -21.24 20.13
CA MET B 56 4.33 -20.19 20.38
C MET B 56 4.04 -19.30 21.59
N GLU B 57 5.08 -19.05 22.42
CA GLU B 57 4.99 -18.12 23.57
C GLU B 57 5.05 -16.74 22.88
N ASN B 58 3.87 -16.18 22.63
CA ASN B 58 3.69 -14.98 21.81
C ASN B 58 4.05 -13.63 22.48
N TYR B 59 4.41 -13.61 23.79
CA TYR B 59 4.80 -12.36 24.47
C TYR B 59 6.03 -11.70 23.81
N VAL B 60 6.88 -12.56 23.20
CA VAL B 60 8.13 -12.23 22.51
C VAL B 60 7.88 -11.34 21.27
N LEU B 61 6.69 -11.46 20.64
CA LEU B 61 6.35 -10.67 19.44
C LEU B 61 5.95 -9.21 19.77
N ILE B 62 5.87 -8.89 21.04
CA ILE B 62 5.61 -7.55 21.58
C ILE B 62 6.97 -7.02 22.07
N ASP B 63 7.61 -7.76 23.00
CA ASP B 63 8.89 -7.47 23.65
C ASP B 63 10.09 -7.94 22.83
N TYR B 64 10.47 -7.12 21.83
CA TYR B 64 11.65 -7.43 21.01
C TYR B 64 12.44 -6.16 20.75
N ASP B 65 13.77 -6.29 20.67
CA ASP B 65 14.62 -5.17 20.35
C ASP B 65 15.38 -5.58 19.08
N THR B 66 15.04 -4.97 17.93
CA THR B 66 15.67 -5.27 16.63
C THR B 66 17.17 -4.98 16.61
N LYS B 67 17.65 -4.14 17.55
CA LYS B 67 19.05 -3.72 17.68
C LYS B 67 19.79 -4.56 18.70
N SER B 68 19.15 -5.61 19.21
CA SER B 68 19.79 -6.48 20.19
C SER B 68 19.90 -7.89 19.62
N PHE B 69 21.14 -8.40 19.43
CA PHE B 69 21.35 -9.77 18.92
C PHE B 69 20.65 -10.83 19.81
N GLU B 70 20.81 -10.69 21.14
CA GLU B 70 20.22 -11.58 22.14
C GLU B 70 18.70 -11.58 22.10
N SER B 71 18.08 -10.41 21.96
CA SER B 71 16.63 -10.28 21.88
C SER B 71 16.06 -10.91 20.59
N MET B 72 16.74 -10.67 19.46
CA MET B 72 16.33 -11.23 18.15
C MET B 72 16.51 -12.74 18.11
N GLN B 73 17.59 -13.23 18.74
CA GLN B 73 17.90 -14.66 18.87
C GLN B 73 16.82 -15.36 19.73
N ARG B 74 16.36 -14.71 20.82
CA ARG B 74 15.29 -15.20 21.69
C ARG B 74 13.98 -15.32 20.90
N LEU B 75 13.67 -14.32 20.09
CA LEU B 75 12.49 -14.30 19.25
C LEU B 75 12.51 -15.48 18.25
N CYS B 76 13.66 -15.71 17.58
CA CYS B 76 13.83 -16.79 16.61
C CYS B 76 13.76 -18.14 17.32
N ASP B 77 14.34 -18.22 18.53
CA ASP B 77 14.33 -19.44 19.33
C ASP B 77 12.88 -19.85 19.76
N LYS B 78 12.03 -18.88 20.19
CA LYS B 78 10.62 -19.12 20.56
C LYS B 78 9.86 -19.67 19.35
N TYR B 79 10.07 -19.05 18.18
CA TYR B 79 9.46 -19.54 16.95
C TYR B 79 9.96 -20.95 16.59
N ASN B 80 11.29 -21.18 16.64
CA ASN B 80 11.88 -22.48 16.26
C ASN B 80 11.44 -23.64 17.18
N ARG B 81 11.30 -23.38 18.49
CA ARG B 81 10.83 -24.38 19.47
C ARG B 81 9.36 -24.70 19.22
N ALA B 82 8.58 -23.70 18.81
CA ALA B 82 7.16 -23.89 18.49
C ALA B 82 7.02 -24.73 17.22
N ILE B 83 7.94 -24.51 16.24
CA ILE B 83 8.01 -25.30 15.00
C ILE B 83 8.32 -26.77 15.37
N ASP B 84 9.33 -26.99 16.25
CA ASP B 84 9.68 -28.33 16.73
C ASP B 84 8.47 -29.06 17.37
N SER B 85 7.69 -28.37 18.23
CA SER B 85 6.52 -28.95 18.93
C SER B 85 5.43 -29.38 17.96
N ILE B 86 5.15 -28.53 16.97
CA ILE B 86 4.16 -28.75 15.92
C ILE B 86 4.58 -29.92 15.04
N HIS B 87 5.87 -30.02 14.71
CA HIS B 87 6.40 -31.16 13.96
C HIS B 87 6.24 -32.46 14.76
N GLN B 88 6.37 -32.41 16.11
CA GLN B 88 6.14 -33.58 16.95
C GLN B 88 4.61 -33.91 16.97
N LEU B 89 3.76 -32.87 17.07
CA LEU B 89 2.30 -33.03 17.09
C LEU B 89 1.82 -33.69 15.78
N TRP B 90 2.37 -33.25 14.63
CA TRP B 90 1.99 -33.77 13.32
C TRP B 90 2.51 -35.18 13.08
N LYS B 91 3.64 -35.54 13.73
CA LYS B 91 4.24 -36.88 13.68
C LYS B 91 3.24 -37.87 14.34
N GLY B 92 2.69 -37.48 15.52
CA GLY B 92 1.68 -38.23 16.25
C GLY B 92 0.32 -38.25 15.54
N THR B 93 -0.11 -37.10 14.97
CA THR B 93 -1.42 -36.97 14.30
C THR B 93 -1.31 -37.01 12.76
N LEU B 99 -1.72 -27.15 3.90
CA LEU B 99 -0.69 -26.10 3.84
C LEU B 99 -0.02 -26.05 2.46
N ASN B 100 0.07 -27.21 1.74
CA ASN B 100 0.67 -27.26 0.39
C ASN B 100 -0.33 -26.72 -0.63
N THR B 101 -0.53 -25.41 -0.59
CA THR B 101 -1.50 -24.74 -1.43
C THR B 101 -0.91 -23.49 -2.08
N ARG B 102 -1.72 -22.76 -2.84
CA ARG B 102 -1.29 -21.48 -3.37
C ARG B 102 -1.25 -20.49 -2.19
N PRO B 103 -0.30 -19.53 -2.18
CA PRO B 103 -0.27 -18.58 -1.07
C PRO B 103 -1.50 -17.66 -1.08
N SER B 104 -1.92 -17.20 0.09
CA SER B 104 -2.98 -16.18 0.16
C SER B 104 -2.37 -14.89 -0.48
N THR B 105 -3.21 -13.92 -0.82
CA THR B 105 -2.74 -12.66 -1.40
C THR B 105 -1.80 -11.94 -0.43
N GLY B 106 -2.19 -11.91 0.85
CA GLY B 106 -1.40 -11.29 1.92
C GLY B 106 -0.03 -11.93 2.03
N LEU B 107 0.02 -13.25 2.07
CA LEU B 107 1.32 -13.94 2.15
C LEU B 107 2.16 -13.72 0.87
N LEU B 108 1.51 -13.80 -0.30
CA LEU B 108 2.18 -13.53 -1.57
C LEU B 108 2.82 -12.12 -1.60
N ARG B 109 2.12 -11.09 -1.09
CA ARG B 109 2.69 -9.73 -1.05
C ARG B 109 4.02 -9.76 -0.24
N HIS B 110 4.00 -10.42 0.93
CA HIS B 110 5.17 -10.57 1.80
C HIS B 110 6.29 -11.36 1.07
N ILE B 111 5.94 -12.49 0.44
CA ILE B 111 6.91 -13.32 -0.28
C ILE B 111 7.62 -12.54 -1.39
N LEU B 112 6.86 -11.82 -2.23
CA LEU B 112 7.45 -11.07 -3.34
C LEU B 112 8.39 -9.97 -2.87
N GLN B 113 8.04 -9.28 -1.77
CA GLN B 113 8.87 -8.22 -1.22
C GLN B 113 10.18 -8.83 -0.68
N GLN B 114 10.05 -9.95 0.03
CA GLN B 114 11.15 -10.71 0.63
C GLN B 114 12.10 -11.22 -0.51
N VAL B 115 11.53 -11.79 -1.57
CA VAL B 115 12.30 -12.24 -2.74
C VAL B 115 13.08 -11.06 -3.34
N TYR B 116 12.41 -9.92 -3.54
CA TYR B 116 13.06 -8.72 -4.08
C TYR B 116 14.22 -8.26 -3.17
N ASN B 117 13.96 -8.16 -1.84
CA ASN B 117 14.94 -7.68 -0.86
C ASN B 117 16.17 -8.59 -0.77
N HIS B 118 16.02 -9.91 -0.96
CA HIS B 118 17.18 -10.81 -0.96
C HIS B 118 17.89 -10.82 -2.35
N SER B 119 17.24 -10.32 -3.40
CA SER B 119 17.78 -10.37 -4.77
C SER B 119 18.39 -9.11 -5.29
N VAL B 120 17.65 -8.01 -5.22
CA VAL B 120 18.07 -6.72 -5.76
C VAL B 120 18.74 -5.92 -4.63
N THR B 121 20.01 -6.25 -4.42
CA THR B 121 20.85 -5.68 -3.36
C THR B 121 21.39 -4.30 -3.73
N ASP B 122 21.55 -4.01 -5.03
CA ASP B 122 22.02 -2.72 -5.50
C ASP B 122 20.97 -2.13 -6.47
N PRO B 123 19.86 -1.54 -5.93
CA PRO B 123 18.78 -1.03 -6.81
C PRO B 123 19.16 0.11 -7.75
N GLU B 124 20.24 0.87 -7.42
CA GLU B 124 20.76 1.98 -8.24
C GLU B 124 21.14 1.47 -9.62
N LYS B 125 21.65 0.21 -9.71
CA LYS B 125 22.07 -0.46 -10.94
C LYS B 125 20.95 -0.57 -11.98
N LEU B 126 19.68 -0.66 -11.53
CA LEU B 126 18.50 -0.76 -12.39
C LEU B 126 18.33 0.46 -13.29
N ASN B 127 18.79 1.65 -12.81
CA ASN B 127 18.72 2.94 -13.52
C ASN B 127 17.27 3.18 -14.02
N ASN B 128 16.30 2.91 -13.11
CA ASN B 128 14.86 3.01 -13.33
C ASN B 128 14.27 4.04 -12.36
N TYR B 129 13.89 5.21 -12.90
CA TYR B 129 13.34 6.36 -12.18
C TYR B 129 11.83 6.55 -12.40
N GLU B 130 11.16 5.54 -12.98
CA GLU B 130 9.73 5.59 -13.31
C GLU B 130 8.81 4.98 -12.23
N PRO B 131 7.48 5.31 -12.20
CA PRO B 131 6.58 4.64 -11.23
C PRO B 131 6.47 3.12 -11.42
N PHE B 132 6.95 2.61 -12.57
CA PHE B 132 6.94 1.19 -12.92
C PHE B 132 8.21 0.44 -12.49
N SER B 133 9.11 1.15 -11.80
CA SER B 133 10.35 0.57 -11.31
C SER B 133 10.12 -0.65 -10.37
N PRO B 134 10.94 -1.72 -10.51
CA PRO B 134 10.86 -2.85 -9.56
C PRO B 134 10.94 -2.43 -8.09
N GLU B 135 11.68 -1.33 -7.79
CA GLU B 135 11.89 -0.78 -6.44
C GLU B 135 10.60 -0.38 -5.74
N VAL B 136 9.54 0.00 -6.49
CA VAL B 136 8.27 0.42 -5.88
C VAL B 136 7.09 -0.52 -6.26
N TYR B 137 7.37 -1.74 -6.73
CA TYR B 137 6.37 -2.72 -7.19
C TYR B 137 5.24 -2.95 -6.14
N GLY B 138 5.61 -3.00 -4.86
CA GLY B 138 4.66 -3.23 -3.78
C GLY B 138 3.66 -2.09 -3.53
N GLU B 139 3.96 -0.88 -4.01
CA GLU B 139 3.08 0.29 -3.75
C GLU B 139 1.69 0.22 -4.44
N THR B 140 1.66 -0.01 -5.75
CA THR B 140 0.43 -0.06 -6.54
C THR B 140 0.40 -1.29 -7.47
N SER B 141 1.52 -1.59 -8.13
CA SER B 141 1.59 -2.67 -9.13
C SER B 141 1.10 -4.02 -8.60
N PHE B 142 1.52 -4.43 -7.37
CA PHE B 142 1.08 -5.69 -6.78
C PHE B 142 -0.46 -5.75 -6.73
N ASP B 143 -1.10 -4.66 -6.21
CA ASP B 143 -2.57 -4.61 -6.09
C ASP B 143 -3.27 -4.61 -7.44
N LEU B 144 -2.72 -3.89 -8.42
CA LEU B 144 -3.31 -3.84 -9.76
C LEU B 144 -3.16 -5.18 -10.48
N VAL B 145 -2.00 -5.86 -10.32
CA VAL B 145 -1.79 -7.21 -10.86
C VAL B 145 -2.79 -8.21 -10.19
N ALA B 146 -3.00 -8.09 -8.86
CA ALA B 146 -3.96 -8.94 -8.12
C ALA B 146 -5.38 -8.75 -8.69
N GLN B 147 -5.74 -7.49 -8.98
CA GLN B 147 -7.04 -7.11 -9.56
C GLN B 147 -7.17 -7.70 -10.98
N MET B 148 -6.08 -7.61 -11.78
CA MET B 148 -5.96 -8.16 -13.14
C MET B 148 -6.20 -9.69 -13.11
N ILE B 149 -5.53 -10.40 -12.19
CA ILE B 149 -5.67 -11.87 -12.02
C ILE B 149 -7.15 -12.20 -11.73
N ASP B 150 -7.80 -11.45 -10.83
CA ASP B 150 -9.22 -11.65 -10.50
C ASP B 150 -10.16 -11.41 -11.68
N GLU B 151 -9.85 -10.45 -12.56
CA GLU B 151 -10.69 -10.07 -13.71
C GLU B 151 -10.49 -10.92 -14.97
N ILE B 152 -9.23 -11.17 -15.33
CA ILE B 152 -8.85 -11.92 -16.53
C ILE B 152 -8.79 -13.39 -16.14
N LYS B 153 -9.85 -14.13 -16.42
CA LYS B 153 -9.94 -15.55 -16.07
C LYS B 153 -8.94 -16.33 -16.88
N MET B 154 -8.08 -17.07 -16.18
CA MET B 154 -6.99 -17.86 -16.77
C MET B 154 -7.10 -19.31 -16.31
N THR B 155 -6.92 -20.24 -17.26
CA THR B 155 -7.02 -21.68 -17.01
C THR B 155 -5.75 -22.41 -17.45
N ASP B 156 -5.72 -23.75 -17.31
CA ASP B 156 -4.59 -24.60 -17.70
C ASP B 156 -4.37 -24.61 -19.22
N ASP B 157 -5.32 -24.06 -20.01
CA ASP B 157 -5.18 -23.94 -21.46
C ASP B 157 -4.43 -22.66 -21.84
N ASP B 158 -4.24 -21.74 -20.87
CA ASP B 158 -3.58 -20.46 -21.15
C ASP B 158 -2.06 -20.48 -21.04
N LEU B 159 -1.42 -19.63 -21.85
CA LEU B 159 0.01 -19.36 -21.82
C LEU B 159 0.13 -17.86 -21.60
N PHE B 160 0.84 -17.48 -20.54
CA PHE B 160 1.02 -16.09 -20.14
C PHE B 160 2.43 -15.62 -20.43
N VAL B 161 2.55 -14.43 -21.04
CA VAL B 161 3.87 -13.85 -21.36
C VAL B 161 3.88 -12.36 -20.93
N ASP B 162 4.88 -11.97 -20.13
CA ASP B 162 5.13 -10.57 -19.80
C ASP B 162 6.25 -10.10 -20.74
N LEU B 163 5.92 -9.15 -21.63
CA LEU B 163 6.88 -8.55 -22.59
C LEU B 163 7.59 -7.37 -21.93
N GLY B 164 8.89 -7.53 -21.65
CA GLY B 164 9.68 -6.52 -20.94
C GLY B 164 9.43 -6.72 -19.46
N SER B 165 9.77 -7.91 -18.96
CA SER B 165 9.43 -8.40 -17.62
C SER B 165 10.26 -7.88 -16.44
N GLY B 166 11.26 -7.03 -16.69
CA GLY B 166 12.12 -6.45 -15.65
C GLY B 166 12.85 -7.51 -14.85
N VAL B 167 12.63 -7.56 -13.53
CA VAL B 167 13.25 -8.55 -12.65
C VAL B 167 12.30 -9.75 -12.42
N GLY B 168 11.17 -9.76 -13.13
CA GLY B 168 10.21 -10.87 -13.15
C GLY B 168 9.08 -10.86 -12.15
N GLN B 169 8.86 -9.72 -11.46
CA GLN B 169 7.85 -9.60 -10.40
C GLN B 169 6.43 -9.97 -10.83
N VAL B 170 5.99 -9.53 -12.03
CA VAL B 170 4.64 -9.84 -12.52
C VAL B 170 4.53 -11.35 -12.81
N VAL B 171 5.54 -11.93 -13.46
CA VAL B 171 5.56 -13.36 -13.80
C VAL B 171 5.44 -14.20 -12.51
N LEU B 172 6.23 -13.85 -11.48
CA LEU B 172 6.21 -14.56 -10.18
C LEU B 172 4.85 -14.46 -9.52
N GLN B 173 4.23 -13.25 -9.55
CA GLN B 173 2.92 -13.05 -8.94
C GLN B 173 1.85 -13.88 -9.63
N VAL B 174 1.79 -13.79 -10.97
CA VAL B 174 0.81 -14.52 -11.79
C VAL B 174 1.03 -16.04 -11.67
N ALA B 175 2.28 -16.52 -11.69
CA ALA B 175 2.57 -17.98 -11.52
C ALA B 175 2.14 -18.49 -10.12
N ALA B 176 2.25 -17.64 -9.08
CA ALA B 176 1.84 -18.08 -7.73
C ALA B 176 0.32 -18.11 -7.64
N ALA B 177 -0.37 -17.30 -8.45
CA ALA B 177 -1.81 -17.18 -8.34
C ALA B 177 -2.64 -17.99 -9.34
N THR B 178 -2.12 -18.27 -10.54
CA THR B 178 -2.93 -18.93 -11.57
C THR B 178 -2.47 -20.34 -11.92
N ASN B 179 -3.31 -21.06 -12.69
CA ASN B 179 -2.95 -22.39 -13.17
C ASN B 179 -2.67 -22.39 -14.71
N CYS B 180 -2.11 -21.27 -15.27
CA CYS B 180 -1.71 -21.24 -16.69
C CYS B 180 -0.72 -22.37 -16.88
N LYS B 181 -0.72 -22.97 -18.07
CA LYS B 181 0.19 -24.05 -18.41
C LYS B 181 1.65 -23.60 -18.16
N HIS B 182 1.99 -22.38 -18.58
CA HIS B 182 3.32 -21.80 -18.40
C HIS B 182 3.24 -20.28 -18.40
N HIS B 183 4.16 -19.67 -17.66
CA HIS B 183 4.29 -18.22 -17.53
C HIS B 183 5.69 -17.87 -17.99
N TYR B 184 5.81 -16.88 -18.86
CA TYR B 184 7.11 -16.46 -19.36
C TYR B 184 7.31 -14.99 -19.12
N GLY B 185 8.55 -14.64 -18.87
CA GLY B 185 8.99 -13.27 -18.79
C GLY B 185 10.14 -13.10 -19.76
N VAL B 186 10.07 -12.08 -20.63
CA VAL B 186 11.17 -11.80 -21.54
C VAL B 186 11.68 -10.39 -21.28
N GLU B 187 12.98 -10.26 -21.04
CA GLU B 187 13.60 -8.97 -20.72
C GLU B 187 14.88 -8.78 -21.54
N LYS B 188 15.00 -7.63 -22.21
CA LYS B 188 16.14 -7.27 -23.09
C LYS B 188 17.34 -6.74 -22.33
N ALA B 189 17.12 -5.85 -21.34
CA ALA B 189 18.21 -5.21 -20.60
C ALA B 189 18.99 -6.19 -19.72
N ASP B 190 20.33 -6.10 -19.77
CA ASP B 190 21.27 -6.96 -19.05
C ASP B 190 21.11 -6.97 -17.54
N ILE B 191 21.07 -5.78 -16.89
CA ILE B 191 20.98 -5.63 -15.42
C ILE B 191 19.67 -6.26 -14.88
N PRO B 192 18.43 -5.86 -15.30
CA PRO B 192 17.23 -6.53 -14.75
C PRO B 192 17.18 -8.03 -15.08
N ALA B 193 17.63 -8.45 -16.29
CA ALA B 193 17.66 -9.88 -16.67
C ALA B 193 18.58 -10.68 -15.76
N LYS B 194 19.73 -10.11 -15.36
CA LYS B 194 20.66 -10.77 -14.44
C LYS B 194 20.03 -10.87 -13.05
N TYR B 195 19.38 -9.77 -12.57
CA TYR B 195 18.66 -9.77 -11.30
C TYR B 195 17.49 -10.78 -11.29
N ALA B 196 16.79 -10.93 -12.44
CA ALA B 196 15.68 -11.89 -12.61
C ALA B 196 16.15 -13.34 -12.32
N GLU B 197 17.42 -13.68 -12.64
CA GLU B 197 18.01 -15.01 -12.37
C GLU B 197 18.07 -15.25 -10.85
N THR B 198 18.43 -14.21 -10.07
CA THR B 198 18.43 -14.31 -8.60
C THR B 198 16.99 -14.35 -8.08
N MET B 199 16.09 -13.50 -8.62
CA MET B 199 14.67 -13.49 -8.23
C MET B 199 14.05 -14.88 -8.39
N ASP B 200 14.35 -15.54 -9.52
CA ASP B 200 13.89 -16.89 -9.85
C ASP B 200 14.31 -17.91 -8.75
N ARG B 201 15.61 -17.96 -8.44
CA ARG B 201 16.21 -18.83 -7.40
C ARG B 201 15.59 -18.53 -6.04
N GLU B 202 15.56 -17.25 -5.62
CA GLU B 202 15.02 -16.82 -4.33
C GLU B 202 13.53 -17.14 -4.21
N PHE B 203 12.76 -16.98 -5.31
CA PHE B 203 11.33 -17.28 -5.29
C PHE B 203 11.08 -18.76 -5.05
N ARG B 204 11.77 -19.63 -5.80
CA ARG B 204 11.63 -21.08 -5.65
C ARG B 204 12.02 -21.52 -4.25
N LYS B 205 13.12 -20.96 -3.70
CA LYS B 205 13.61 -21.27 -2.35
C LYS B 205 12.59 -20.85 -1.26
N TRP B 206 12.12 -19.58 -1.30
CA TRP B 206 11.16 -19.10 -0.32
C TRP B 206 9.82 -19.81 -0.42
N MET B 207 9.33 -20.09 -1.66
CA MET B 207 8.05 -20.80 -1.82
C MET B 207 8.13 -22.22 -1.20
N LYS B 208 9.29 -22.89 -1.33
CA LYS B 208 9.52 -24.20 -0.71
C LYS B 208 9.60 -24.03 0.82
N TRP B 209 10.23 -22.95 1.31
CA TRP B 209 10.34 -22.71 2.75
C TRP B 209 8.94 -22.59 3.40
N TYR B 210 8.01 -21.86 2.77
CA TYR B 210 6.63 -21.67 3.26
C TYR B 210 5.75 -22.89 2.99
N GLY B 211 6.16 -23.72 2.02
CA GLY B 211 5.39 -24.90 1.60
C GLY B 211 4.27 -24.55 0.62
N LYS B 212 4.53 -23.57 -0.24
CA LYS B 212 3.53 -23.05 -1.18
C LYS B 212 3.76 -23.44 -2.60
N LYS B 213 2.67 -23.73 -3.32
CA LYS B 213 2.65 -24.16 -4.71
C LYS B 213 2.63 -22.92 -5.66
N HIS B 214 3.20 -23.10 -6.85
CA HIS B 214 3.18 -22.10 -7.92
C HIS B 214 3.20 -22.85 -9.25
N ALA B 215 2.71 -22.22 -10.31
CA ALA B 215 2.72 -22.79 -11.66
C ALA B 215 4.15 -22.70 -12.21
N GLU B 216 4.41 -23.39 -13.32
CA GLU B 216 5.69 -23.37 -14.00
C GLU B 216 5.92 -22.01 -14.63
N TYR B 217 7.17 -21.53 -14.61
CA TYR B 217 7.49 -20.24 -15.20
C TYR B 217 8.93 -20.23 -15.65
N THR B 218 9.25 -19.36 -16.60
CA THR B 218 10.60 -19.17 -17.13
C THR B 218 10.81 -17.68 -17.30
N LEU B 219 11.94 -17.19 -16.78
CA LEU B 219 12.36 -15.80 -16.93
C LEU B 219 13.54 -15.86 -17.87
N GLU B 220 13.46 -15.18 -19.01
CA GLU B 220 14.55 -15.22 -19.98
C GLU B 220 14.98 -13.86 -20.47
N ARG B 221 16.25 -13.78 -20.88
CA ARG B 221 16.79 -12.60 -21.50
C ARG B 221 16.51 -12.76 -23.00
N GLY B 222 16.10 -11.68 -23.65
CA GLY B 222 15.81 -11.68 -25.08
C GLY B 222 15.09 -10.44 -25.52
N ASP B 223 14.95 -10.28 -26.82
CA ASP B 223 14.27 -9.16 -27.46
C ASP B 223 12.95 -9.71 -27.99
N PHE B 224 11.81 -9.22 -27.47
CA PHE B 224 10.51 -9.74 -27.91
C PHE B 224 10.15 -9.34 -29.37
N LEU B 225 11.02 -8.55 -30.03
CA LEU B 225 10.81 -8.18 -31.43
C LEU B 225 11.61 -9.09 -32.39
N SER B 226 12.38 -10.04 -31.83
CA SER B 226 13.19 -10.99 -32.64
C SER B 226 12.30 -11.94 -33.44
N GLU B 227 12.88 -12.61 -34.46
CA GLU B 227 12.18 -13.59 -35.31
C GLU B 227 11.62 -14.76 -34.50
N GLU B 228 12.40 -15.25 -33.53
CA GLU B 228 12.05 -16.34 -32.60
C GLU B 228 10.78 -15.97 -31.81
N TRP B 229 10.68 -14.70 -31.36
CA TRP B 229 9.53 -14.26 -30.58
C TRP B 229 8.23 -14.00 -31.40
N ARG B 230 8.32 -13.93 -32.76
CA ARG B 230 7.13 -13.76 -33.61
C ARG B 230 6.12 -14.89 -33.44
N GLU B 231 6.59 -16.13 -33.53
CA GLU B 231 5.73 -17.30 -33.41
C GLU B 231 5.32 -17.50 -31.95
N ARG B 232 6.21 -17.15 -31.02
CA ARG B 232 5.94 -17.27 -29.59
C ARG B 232 4.79 -16.34 -29.17
N ILE B 233 4.78 -15.08 -29.68
CA ILE B 233 3.69 -14.14 -29.42
C ILE B 233 2.41 -14.65 -30.10
N ALA B 234 2.50 -15.17 -31.36
CA ALA B 234 1.35 -15.71 -32.08
C ALA B 234 0.67 -16.84 -31.31
N ASN B 235 1.47 -17.64 -30.57
CA ASN B 235 0.96 -18.78 -29.80
C ASN B 235 0.64 -18.46 -28.34
N THR B 236 0.72 -17.19 -27.92
CA THR B 236 0.42 -16.75 -26.54
C THR B 236 -1.06 -16.41 -26.40
N SER B 237 -1.71 -16.89 -25.35
CA SER B 237 -3.13 -16.58 -25.16
C SER B 237 -3.35 -15.31 -24.31
N VAL B 238 -2.41 -14.99 -23.39
CA VAL B 238 -2.46 -13.80 -22.53
C VAL B 238 -1.10 -13.08 -22.55
N ILE B 239 -1.07 -11.87 -23.14
CA ILE B 239 0.11 -11.00 -23.18
C ILE B 239 -0.09 -9.93 -22.10
N PHE B 240 0.95 -9.69 -21.29
CA PHE B 240 0.95 -8.60 -20.31
C PHE B 240 2.07 -7.69 -20.81
N VAL B 241 1.82 -6.39 -20.90
CA VAL B 241 2.89 -5.51 -21.39
C VAL B 241 2.78 -4.12 -20.80
N ASN B 242 3.86 -3.65 -20.16
CA ASN B 242 3.91 -2.27 -19.70
C ASN B 242 4.48 -1.52 -20.90
N ASN B 243 3.60 -0.96 -21.75
CA ASN B 243 3.97 -0.24 -22.97
C ASN B 243 3.96 1.29 -22.80
N PHE B 244 3.88 1.76 -21.53
CA PHE B 244 3.81 3.18 -21.21
C PHE B 244 4.90 4.04 -21.85
N ALA B 245 6.14 3.56 -21.81
CA ALA B 245 7.29 4.30 -22.34
C ALA B 245 7.68 3.93 -23.78
N PHE B 246 6.91 3.05 -24.45
CA PHE B 246 7.25 2.62 -25.81
C PHE B 246 7.14 3.72 -26.85
N GLY B 247 8.18 3.83 -27.69
CA GLY B 247 8.21 4.78 -28.80
C GLY B 247 7.39 4.28 -29.97
N PRO B 248 7.24 5.07 -31.06
CA PRO B 248 6.41 4.63 -32.18
C PRO B 248 6.87 3.36 -32.91
N GLU B 249 8.20 3.15 -33.02
CA GLU B 249 8.76 1.99 -33.74
C GLU B 249 8.48 0.68 -33.01
N VAL B 250 8.75 0.63 -31.70
CA VAL B 250 8.48 -0.56 -30.88
C VAL B 250 6.96 -0.83 -30.87
N ASP B 251 6.14 0.22 -30.67
CA ASP B 251 4.67 0.13 -30.69
C ASP B 251 4.17 -0.44 -32.03
N HIS B 252 4.68 0.10 -33.17
CA HIS B 252 4.31 -0.35 -34.52
C HIS B 252 4.68 -1.82 -34.72
N GLN B 253 5.92 -2.19 -34.37
CA GLN B 253 6.42 -3.56 -34.51
C GLN B 253 5.62 -4.56 -33.66
N LEU B 254 5.25 -4.18 -32.44
CA LEU B 254 4.48 -5.00 -31.53
C LEU B 254 3.06 -5.25 -32.04
N LYS B 255 2.39 -4.22 -32.59
CA LYS B 255 1.06 -4.37 -33.19
C LYS B 255 1.09 -5.40 -34.36
N GLU B 256 2.20 -5.43 -35.13
CA GLU B 256 2.41 -6.40 -36.22
C GLU B 256 2.48 -7.82 -35.60
N ARG B 257 3.12 -7.97 -34.43
CA ARG B 257 3.22 -9.25 -33.73
C ARG B 257 1.84 -9.69 -33.21
N PHE B 258 1.05 -8.74 -32.67
CA PHE B 258 -0.30 -9.00 -32.15
C PHE B 258 -1.26 -9.45 -33.23
N ALA B 259 -1.07 -8.92 -34.47
CA ALA B 259 -1.87 -9.24 -35.65
C ALA B 259 -1.80 -10.73 -36.02
N ASN B 260 -0.84 -11.49 -35.46
CA ASN B 260 -0.74 -12.94 -35.69
C ASN B 260 -1.35 -13.78 -34.57
N MET B 261 -1.85 -13.14 -33.50
CA MET B 261 -2.45 -13.90 -32.39
C MET B 261 -3.79 -14.58 -32.79
N LYS B 262 -4.19 -15.62 -32.05
CA LYS B 262 -5.41 -16.40 -32.33
C LYS B 262 -6.65 -15.65 -31.85
N GLU B 263 -7.83 -15.97 -32.43
CA GLU B 263 -9.12 -15.36 -32.01
C GLU B 263 -9.29 -15.61 -30.52
N GLY B 264 -9.64 -14.58 -29.78
CA GLY B 264 -9.82 -14.70 -28.34
C GLY B 264 -8.56 -14.47 -27.53
N GLY B 265 -7.42 -14.25 -28.20
CA GLY B 265 -6.16 -13.93 -27.55
C GLY B 265 -6.30 -12.60 -26.84
N ARG B 266 -5.67 -12.44 -25.67
CA ARG B 266 -5.82 -11.24 -24.88
C ARG B 266 -4.52 -10.51 -24.59
N ILE B 267 -4.60 -9.18 -24.55
CA ILE B 267 -3.48 -8.32 -24.25
C ILE B 267 -3.89 -7.33 -23.13
N VAL B 268 -3.14 -7.34 -22.04
CA VAL B 268 -3.35 -6.42 -20.92
C VAL B 268 -2.17 -5.45 -20.92
N SER B 269 -2.47 -4.14 -20.95
CA SER B 269 -1.42 -3.14 -21.06
C SER B 269 -1.71 -1.87 -20.23
N SER B 270 -0.70 -1.02 -20.04
CA SER B 270 -0.80 0.26 -19.31
C SER B 270 -1.31 1.40 -20.25
N LYS B 271 -1.13 1.27 -21.56
CA LYS B 271 -1.67 2.23 -22.55
C LYS B 271 -2.39 1.43 -23.65
N PRO B 272 -3.60 1.87 -24.13
CA PRO B 272 -4.29 1.09 -25.17
C PRO B 272 -3.55 1.05 -26.49
N PHE B 273 -3.60 -0.10 -27.18
CA PHE B 273 -2.97 -0.26 -28.49
C PHE B 273 -3.89 0.24 -29.59
N ALA B 274 -5.18 0.39 -29.29
CA ALA B 274 -6.17 0.90 -30.24
C ALA B 274 -7.11 1.83 -29.48
N PRO B 275 -7.73 2.84 -30.14
CA PRO B 275 -8.67 3.72 -29.41
C PRO B 275 -9.85 2.92 -28.88
N LEU B 276 -10.34 3.33 -27.70
CA LEU B 276 -11.47 2.71 -27.02
C LEU B 276 -12.75 2.86 -27.80
N ASN B 277 -12.86 3.95 -28.58
CA ASN B 277 -14.00 4.32 -29.39
C ASN B 277 -13.73 4.11 -30.90
N PHE B 278 -12.83 3.15 -31.26
CA PHE B 278 -12.48 2.88 -32.66
C PHE B 278 -13.71 2.68 -33.54
N ARG B 279 -13.76 3.40 -34.67
CA ARG B 279 -14.84 3.30 -35.64
C ARG B 279 -14.24 2.93 -36.99
N ILE B 280 -14.44 1.67 -37.41
CA ILE B 280 -13.91 1.10 -38.67
C ILE B 280 -14.46 1.88 -39.89
N ASN B 281 -13.52 2.33 -40.75
CA ASN B 281 -13.79 3.08 -41.98
C ASN B 281 -12.73 2.79 -43.06
N SER B 282 -12.91 3.36 -44.27
CA SER B 282 -12.03 3.22 -45.45
C SER B 282 -10.60 3.68 -45.22
N ARG B 283 -10.39 4.73 -44.41
CA ARG B 283 -9.07 5.29 -44.12
C ARG B 283 -8.27 4.59 -43.02
N ASN B 284 -8.93 3.89 -42.10
CA ASN B 284 -8.24 3.24 -40.97
C ASN B 284 -8.31 1.70 -41.00
N LEU B 285 -8.42 1.10 -42.19
CA LEU B 285 -8.50 -0.35 -42.39
C LEU B 285 -7.22 -1.10 -42.00
N SER B 286 -6.06 -0.41 -42.00
CA SER B 286 -4.78 -1.02 -41.64
C SER B 286 -4.51 -1.05 -40.14
N ASP B 287 -5.29 -0.27 -39.36
CA ASP B 287 -5.15 -0.15 -37.91
C ASP B 287 -5.54 -1.41 -37.16
N ILE B 288 -4.83 -1.70 -36.06
CA ILE B 288 -5.06 -2.86 -35.18
C ILE B 288 -6.50 -2.90 -34.59
N GLY B 289 -7.13 -1.72 -34.48
CA GLY B 289 -8.50 -1.59 -33.97
C GLY B 289 -9.53 -2.37 -34.77
N THR B 290 -9.16 -2.81 -35.98
CA THR B 290 -10.03 -3.59 -36.87
C THR B 290 -10.14 -5.05 -36.41
N ILE B 291 -9.14 -5.54 -35.65
CA ILE B 291 -9.13 -6.95 -35.24
C ILE B 291 -9.16 -7.17 -33.71
N MET B 292 -9.48 -6.14 -32.91
CA MET B 292 -9.56 -6.30 -31.45
C MET B 292 -10.55 -5.38 -30.77
N ARG B 293 -11.23 -5.91 -29.73
CA ARG B 293 -12.11 -5.15 -28.83
C ARG B 293 -11.17 -4.63 -27.73
N VAL B 294 -11.35 -3.38 -27.29
CA VAL B 294 -10.51 -2.74 -26.27
C VAL B 294 -11.41 -2.18 -25.18
N VAL B 295 -11.12 -2.49 -23.92
CA VAL B 295 -11.85 -1.96 -22.77
C VAL B 295 -10.87 -1.46 -21.71
N GLU B 296 -11.27 -0.42 -20.98
CA GLU B 296 -10.49 0.13 -19.89
C GLU B 296 -11.02 -0.51 -18.63
N LEU B 297 -10.11 -1.09 -17.82
CA LEU B 297 -10.47 -1.71 -16.55
C LEU B 297 -9.91 -0.88 -15.41
N SER B 298 -10.79 -0.31 -14.60
CA SER B 298 -10.37 0.51 -13.46
C SER B 298 -10.90 -0.06 -12.18
N PRO B 299 -10.03 -0.35 -11.19
CA PRO B 299 -10.51 -0.87 -9.91
C PRO B 299 -11.46 0.10 -9.19
N LEU B 300 -11.43 1.39 -9.55
CA LEU B 300 -12.34 2.38 -8.99
C LEU B 300 -13.78 2.20 -9.47
N LYS B 301 -14.00 1.52 -10.63
CA LYS B 301 -15.33 1.26 -11.19
C LYS B 301 -15.99 0.01 -10.61
N VAL B 304 -15.86 -3.60 -5.94
CA VAL B 304 -14.42 -3.43 -5.70
C VAL B 304 -14.20 -2.33 -4.66
N SER B 305 -13.60 -2.68 -3.49
CA SER B 305 -13.32 -1.73 -2.41
C SER B 305 -11.89 -1.12 -2.54
N TRP B 306 -11.60 -0.52 -3.71
CA TRP B 306 -10.31 0.10 -4.04
C TRP B 306 -10.13 1.47 -3.41
N THR B 307 -9.06 1.66 -2.63
CA THR B 307 -8.73 2.95 -2.01
C THR B 307 -7.30 3.37 -2.40
N GLY B 308 -6.70 2.68 -3.37
CA GLY B 308 -5.37 3.00 -3.86
C GLY B 308 -5.39 4.11 -4.90
N LYS B 309 -4.30 4.23 -5.67
CA LYS B 309 -4.17 5.23 -6.73
C LYS B 309 -5.26 5.12 -7.80
N PRO B 310 -5.67 6.26 -8.40
CA PRO B 310 -6.72 6.21 -9.43
C PRO B 310 -6.11 5.75 -10.77
N VAL B 311 -5.79 4.46 -10.87
CA VAL B 311 -5.11 3.86 -12.01
C VAL B 311 -6.04 2.94 -12.79
N SER B 312 -5.65 2.65 -14.02
CA SER B 312 -6.37 1.84 -14.99
C SER B 312 -5.42 0.99 -15.78
N TYR B 313 -5.93 -0.07 -16.37
CA TYR B 313 -5.21 -0.86 -17.33
C TYR B 313 -6.18 -1.19 -18.48
N TYR B 314 -5.65 -1.69 -19.59
CA TYR B 314 -6.43 -1.90 -20.79
C TYR B 314 -6.44 -3.33 -21.22
N LEU B 315 -7.64 -3.86 -21.48
CA LEU B 315 -7.82 -5.24 -21.94
C LEU B 315 -8.20 -5.24 -23.42
N HIS B 316 -7.38 -5.93 -24.25
CA HIS B 316 -7.60 -6.09 -25.68
C HIS B 316 -7.92 -7.56 -25.96
N THR B 317 -8.97 -7.83 -26.76
CA THR B 317 -9.34 -9.20 -27.11
C THR B 317 -9.37 -9.32 -28.64
N ILE B 318 -8.65 -10.31 -29.22
CA ILE B 318 -8.61 -10.55 -30.67
C ILE B 318 -10.02 -10.93 -31.13
N ASP B 319 -10.58 -10.10 -32.03
CA ASP B 319 -11.93 -10.21 -32.57
C ASP B 319 -11.96 -9.72 -34.04
N ARG B 320 -11.86 -10.67 -34.98
CA ARG B 320 -11.83 -10.36 -36.41
C ARG B 320 -13.23 -10.11 -37.00
N THR B 321 -14.30 -10.25 -36.18
CA THR B 321 -15.68 -10.01 -36.61
C THR B 321 -15.90 -8.52 -36.91
N ILE B 322 -15.07 -7.61 -36.33
CA ILE B 322 -15.11 -6.15 -36.59
C ILE B 322 -14.78 -5.91 -38.07
N LEU B 323 -13.72 -6.59 -38.56
CA LEU B 323 -13.27 -6.53 -39.94
C LEU B 323 -14.24 -7.27 -40.86
N GLU B 324 -14.69 -8.48 -40.46
CA GLU B 324 -15.63 -9.34 -41.19
C GLU B 324 -16.95 -8.66 -41.50
N ASN B 325 -17.51 -7.91 -40.53
CA ASN B 325 -18.78 -7.21 -40.68
C ASN B 325 -18.68 -5.99 -41.60
N TYR B 326 -17.56 -5.23 -41.54
CA TYR B 326 -17.33 -4.05 -42.38
C TYR B 326 -17.30 -4.46 -43.86
N PHE B 327 -16.61 -5.57 -44.18
CA PHE B 327 -16.52 -6.08 -45.55
C PHE B 327 -17.89 -6.55 -46.05
N SER B 328 -18.64 -7.29 -45.21
CA SER B 328 -20.00 -7.75 -45.52
C SER B 328 -20.94 -6.54 -45.74
N SER B 329 -20.77 -5.46 -44.94
CA SER B 329 -21.54 -4.20 -45.07
C SER B 329 -21.22 -3.48 -46.39
N LEU B 330 -19.94 -3.55 -46.84
CA LEU B 330 -19.46 -2.95 -48.09
C LEU B 330 -19.89 -3.81 -49.28
N LYS B 331 -20.06 -5.13 -49.06
CA LYS B 331 -20.48 -6.12 -50.06
C LYS B 331 -22.01 -6.30 -50.11
N ASN B 332 -22.77 -5.47 -49.35
CA ASN B 332 -24.23 -5.47 -49.30
C ASN B 332 -24.79 -4.08 -49.00
C1 5JJ C . 4.03 -1.56 12.08
C2 5JJ C . 3.96 -0.56 11.10
C3 5JJ C . 3.04 0.50 11.27
C12 5JJ C . -1.11 2.84 15.27
C13 5JJ C . -0.30 3.28 16.34
C14 5JJ C . -0.85 3.53 17.61
C15 5JJ C . -2.22 3.32 17.84
C16 5JJ C . -3.04 2.85 16.80
C17 5JJ C . -2.48 2.59 15.54
C20 5JJ C . -0.90 3.53 12.91
C21 5JJ C . 0.04 4.66 12.93
C22 5JJ C . 0.85 5.56 12.93
C23 5JJ C . 1.82 6.65 12.85
C25 5JJ C . 2.76 6.69 14.08
C4 5JJ C . 2.16 0.51 12.40
C5 5JJ C . 2.27 -0.55 13.35
N6 5JJ C . 3.17 -1.54 13.14
C7 5JJ C . 1.24 1.55 12.70
C8 5JJ C . 0.37 1.54 13.83
C9 5JJ C . 0.54 0.47 14.75
C10 5JJ C . 1.47 -0.56 14.51
N11 5JJ C . -0.54 2.60 14.02
CL1 5JJ C . -3.56 2.04 14.28
CL2 5JJ C . 1.38 3.59 16.03
N24 5JJ C . 3.01 1.48 10.32
C2 5JT D . 5.22 15.23 23.18
C4 5JT D . 6.59 13.30 22.81
C5 5JT D . 6.83 13.26 24.22
C6 5JT D . 6.26 14.22 25.04
C8 5JT D . 7.43 12.96 26.42
N10 5JT D . 7.10 12.42 21.89
C11 5JT D . 7.60 11.06 22.21
C12 5JT D . 9.15 11.14 22.08
C13 5JT D . 9.54 11.56 20.63
C14 5JT D . 8.82 12.87 20.16
N1 5JT D . 5.81 14.31 22.37
N3 5JT D . 5.47 15.20 24.52
N7 5JT D . 6.65 14.02 26.30
C9 5JT D . 7.60 12.41 25.21
C15 5JT D . 7.30 12.85 20.50
N16 5JT D . 8.98 13.09 18.70
O1 TLA E . 11.62 7.39 29.21
O11 TLA E . 12.97 6.23 30.60
C1 TLA E . 12.81 7.09 29.74
C2 TLA E . 13.98 7.90 29.23
O2 TLA E . 13.54 8.98 28.40
C3 TLA E . 14.99 6.96 28.48
O3 TLA E . 14.33 6.25 27.43
C4 TLA E . 16.13 7.81 27.94
O4 TLA E . 16.13 8.03 26.62
O41 TLA E . 16.97 8.28 28.70
C1 5JJ F . 0.39 3.61 -12.51
C2 5JJ F . 1.22 2.90 -11.61
C3 5JJ F . 1.36 1.51 -11.74
C12 5JJ F . -0.22 -3.22 -15.35
C13 5JJ F . 0.57 -2.99 -16.48
C14 5JJ F . 0.26 -3.58 -17.72
C15 5JJ F . -0.84 -4.41 -17.84
C16 5JJ F . -1.65 -4.66 -16.73
C17 5JJ F . -1.34 -4.07 -15.50
C20 5JJ F . 0.64 -3.52 -13.07
C21 5JJ F . 2.11 -3.56 -13.18
C22 5JJ F . 3.31 -3.58 -13.32
C23 5JJ F . 4.75 -3.64 -13.51
C25 5JJ F . 5.24 -2.88 -14.76
C4 5JJ F . 0.63 0.82 -12.75
C5 5JJ F . -0.20 1.58 -13.61
N6 5JJ F . -0.29 2.93 -13.48
C7 5JJ F . 0.69 -0.59 -12.95
C8 5JJ F . -0.07 -1.27 -13.93
C9 5JJ F . -0.84 -0.45 -14.82
C10 5JJ F . -0.91 0.95 -14.65
N11 5JJ F . 0.08 -2.64 -14.12
CL1 5JJ F . -2.33 -4.42 -14.12
CL2 5JJ F . 1.95 -1.95 -16.31
N24 5JJ F . 2.16 0.87 -10.83
C2 5JT G . 12.38 -7.09 -24.22
C4 5JT G . 11.97 -4.73 -23.92
C5 5JT G . 12.07 -4.62 -25.34
C6 5JT G . 12.31 -5.73 -26.13
C8 5JT G . 12.15 -4.09 -27.58
N10 5JT G . 11.77 -3.70 -23.04
C11 5JT G . 11.15 -2.42 -23.40
C12 5JT G . 12.23 -1.30 -23.28
C13 5JT G . 12.93 -1.34 -21.89
C14 5JT G . 13.36 -2.78 -21.44
N1 5JT G . 12.16 -6.00 -23.43
N3 5JT G . 12.46 -6.96 -25.56
N7 5JT G . 12.35 -5.37 -27.42
C9 5JT G . 11.96 -3.51 -26.38
C15 5JT G . 12.22 -3.82 -21.65
N16 5JT G . 13.80 -2.82 -20.04
#